data_2X1N
#
_entry.id   2X1N
#
_cell.length_a   74.558
_cell.length_b   114.257
_cell.length_c   157.277
_cell.angle_alpha   90.00
_cell.angle_beta   90.00
_cell.angle_gamma   90.00
#
_symmetry.space_group_name_H-M   'P 21 21 21'
#
loop_
_entity.id
_entity.type
_entity.pdbx_description
1 polymer 'CELL DIVISION PROTEIN KINASE 2'
2 polymer CYCLIN-A2
3 polymer ACE-LEU-ASN-PFF-NH2
4 non-polymer 2-METHYL-N-[(1Z)-3-NITROCYCLOHEXA-2,4-DIEN-1-YLIDENE]-4,5-DIHYDRO[1,3]THIAZOLO[4,5-H]QUINAZOLIN-8-AMINE
5 water water
#
loop_
_entity_poly.entity_id
_entity_poly.type
_entity_poly.pdbx_seq_one_letter_code
_entity_poly.pdbx_strand_id
1 'polypeptide(L)'
;MENFQKVEKIGEGTYGVVYKARNKLTGEVVALKKIRLDTETEGVPSTAIREISLLKELNHPNIVKLLDVIHTENKLYLVF
EFLHQDLKKFMDASALTGIPLPLIKSYLFQLLQGLAFCHSHRVLHRDLKPQNLLINTEGAIKLADFGLARAFGVPVRTYT
HEVVTLWYRAPEILLGCKYYSTAVDIWSLGCIFAEMVTRRALFPGDSEIDQLFRIFRTLGTPDEVVWPGVTSMPDYKPSF
PKWARQDFSKVVPPLDEDGRSLLSQMLHYDPNKRISAKAALAHPFFQDVTKPVPHLRL
;
A,C
2 'polypeptide(L)'
;VNEVPDYHEDIHTYLREMEVKCKPKVGYMKKQPDITNSMRAILVDWLVEVGEEYKLQNETLHLAVNYIDRFLSSMSVLRG
KLQLVGTAAMLLASKFEEIYPPEVAEFVYITDDTYTKKQVLRMEHLVLKVLTFDLAAPTVNQFLTQYFLHQQPANCKVES
LAMFLGELSLIDADPYLKYLPSVIAGAAFHLALYTVTGQSWPESLIRKTGYTLESLKPCLMDLHQTYLKAPQHAQQSIRE
KYKNSKYHGVSLLNPPETLNL
;
B,D
3 'polypeptide(L)' (ACE)LN(PFF)(NH2) H
#
# COMPACT_ATOMS: atom_id res chain seq x y z
N MET A 1 13.92 13.89 5.47
CA MET A 1 15.08 14.80 5.13
C MET A 1 16.23 14.85 6.14
N GLU A 2 15.89 14.60 7.40
CA GLU A 2 16.82 14.64 8.51
C GLU A 2 17.98 13.66 8.33
N ASN A 3 17.66 12.55 7.69
CA ASN A 3 18.60 11.45 7.54
C ASN A 3 19.46 11.56 6.28
N PHE A 4 19.31 12.63 5.50
CA PHE A 4 20.11 12.80 4.31
C PHE A 4 21.12 13.92 4.48
N GLN A 5 22.33 13.69 3.98
CA GLN A 5 23.43 14.64 4.03
C GLN A 5 23.79 15.02 2.59
N LYS A 6 23.60 16.30 2.24
CA LYS A 6 23.96 16.80 0.89
C LYS A 6 25.46 16.77 0.65
N VAL A 7 25.90 16.19 -0.45
CA VAL A 7 27.32 16.14 -0.74
C VAL A 7 27.71 17.18 -1.77
N GLU A 8 27.08 17.19 -2.93
CA GLU A 8 27.32 18.19 -3.97
C GLU A 8 26.20 18.25 -5.02
N LYS A 9 26.08 19.40 -5.70
CA LYS A 9 25.13 19.52 -6.82
C LYS A 9 25.61 18.76 -8.05
N ILE A 10 24.72 18.10 -8.76
CA ILE A 10 25.11 17.31 -9.93
C ILE A 10 24.32 17.66 -11.20
N GLY A 11 23.25 18.42 -11.08
CA GLY A 11 22.51 18.78 -12.26
C GLY A 11 21.21 19.52 -12.03
N GLU A 12 20.60 19.89 -13.15
CA GLU A 12 19.33 20.60 -13.20
C GLU A 12 18.48 19.86 -14.21
N GLY A 13 17.24 19.57 -13.84
CA GLY A 13 16.32 18.84 -14.72
C GLY A 13 15.21 19.70 -15.26
N THR A 14 14.04 19.08 -15.45
CA THR A 14 12.87 19.82 -15.92
C THR A 14 12.11 20.44 -14.73
N TYR A 15 12.83 21.19 -13.89
CA TYR A 15 12.26 22.14 -12.91
C TYR A 15 12.58 21.81 -11.45
N GLY A 16 13.73 21.18 -11.26
CA GLY A 16 14.31 21.00 -9.94
C GLY A 16 15.82 20.83 -10.02
N VAL A 17 16.53 21.30 -9.02
CA VAL A 17 17.99 21.07 -8.90
C VAL A 17 18.31 19.70 -8.26
N VAL A 18 19.26 18.94 -8.84
CA VAL A 18 19.62 17.59 -8.35
C VAL A 18 20.88 17.55 -7.53
N TYR A 19 20.85 16.98 -6.35
CA TYR A 19 22.04 16.85 -5.51
C TYR A 19 22.44 15.41 -5.28
N LYS A 20 23.75 15.18 -5.19
CA LYS A 20 24.22 13.90 -4.70
C LYS A 20 24.10 13.92 -3.19
N ALA A 21 23.46 12.91 -2.62
CA ALA A 21 23.25 12.91 -1.19
C ALA A 21 23.52 11.54 -0.56
N ARG A 22 23.64 11.56 0.76
CA ARG A 22 24.00 10.36 1.49
C ARG A 22 23.03 10.06 2.62
N ASN A 23 22.47 8.85 2.63
CA ASN A 23 21.69 8.41 3.78
C ASN A 23 22.60 8.11 4.97
N LYS A 24 22.54 8.99 5.96
CA LYS A 24 23.39 8.89 7.14
C LYS A 24 23.17 7.61 7.91
N LEU A 25 21.99 7.05 7.86
CA LEU A 25 21.68 5.83 8.62
C LEU A 25 22.01 4.50 7.91
N THR A 26 21.73 4.41 6.62
CA THR A 26 21.97 3.20 5.86
C THR A 26 23.29 3.24 5.12
N GLY A 27 23.68 4.42 4.63
CA GLY A 27 24.92 4.54 3.90
C GLY A 27 24.77 4.61 2.40
N GLU A 28 23.54 4.44 1.92
CA GLU A 28 23.22 4.46 0.49
C GLU A 28 23.40 5.85 -0.06
N VAL A 29 24.08 6.01 -1.20
CA VAL A 29 24.19 7.29 -1.88
C VAL A 29 23.02 7.43 -2.83
N VAL A 30 22.29 8.53 -2.69
CA VAL A 30 21.11 8.77 -3.55
C VAL A 30 21.29 10.06 -4.34
N ALA A 31 20.36 10.30 -5.29
CA ALA A 31 20.28 11.59 -6.02
C ALA A 31 18.99 12.26 -5.61
N LEU A 32 19.10 13.39 -4.90
CA LEU A 32 17.91 14.11 -4.43
C LEU A 32 17.47 15.23 -5.37
N LYS A 33 16.24 15.16 -5.86
CA LYS A 33 15.68 16.22 -6.69
C LYS A 33 14.70 17.03 -5.85
N LYS A 34 15.00 18.30 -5.63
CA LYS A 34 14.15 19.17 -4.84
C LYS A 34 13.34 20.07 -5.75
N ILE A 35 12.09 20.27 -5.41
CA ILE A 35 11.19 21.05 -6.23
C ILE A 35 10.77 22.33 -5.55
N ARG A 36 10.74 22.40 -4.23
CA ARG A 36 10.22 23.56 -3.45
C ARG A 36 8.93 24.25 -3.90
N LEU A 37 7.95 24.19 -3.02
CA LEU A 37 6.57 24.46 -3.39
C LEU A 37 5.80 25.26 -2.37
N ASP A 38 5.63 26.56 -2.64
CA ASP A 38 4.72 27.37 -1.82
C ASP A 38 3.51 27.81 -2.64
N THR A 39 2.49 28.25 -1.91
CA THR A 39 1.26 28.69 -2.54
C THR A 39 1.39 30.13 -3.04
N GLU A 40 0.55 30.46 -4.02
CA GLU A 40 0.76 31.63 -4.84
C GLU A 40 1.63 31.02 -5.93
N THR A 41 1.23 31.14 -7.18
CA THR A 41 1.89 30.47 -8.30
C THR A 41 0.91 29.37 -8.73
N GLU A 42 1.41 28.18 -9.05
CA GLU A 42 0.54 27.14 -9.59
C GLU A 42 0.65 25.83 -8.84
N GLY A 43 1.27 25.85 -7.67
CA GLY A 43 1.48 24.65 -6.86
C GLY A 43 2.47 23.63 -7.40
N VAL A 44 2.17 22.34 -7.20
CA VAL A 44 3.01 21.29 -7.73
C VAL A 44 2.97 21.34 -9.25
N PRO A 45 4.12 21.54 -9.89
CA PRO A 45 4.20 21.64 -11.35
C PRO A 45 3.84 20.36 -12.09
N SER A 46 3.42 20.48 -13.33
CA SER A 46 2.99 19.30 -14.11
C SER A 46 4.12 18.30 -14.43
N THR A 47 5.34 18.79 -14.60
CA THR A 47 6.49 17.95 -14.87
C THR A 47 6.68 17.01 -13.70
N ALA A 48 6.50 17.47 -12.47
CA ALA A 48 6.69 16.63 -11.29
C ALA A 48 5.56 15.66 -11.14
N ILE A 49 4.33 16.09 -11.43
CA ILE A 49 3.15 15.24 -11.31
C ILE A 49 3.31 13.99 -12.19
N ARG A 50 3.74 14.19 -13.42
CA ARG A 50 3.93 13.10 -14.34
C ARG A 50 5.13 12.23 -13.99
N GLU A 51 6.29 12.84 -13.77
CA GLU A 51 7.45 12.02 -13.42
C GLU A 51 7.22 11.09 -12.23
N ILE A 52 6.52 11.55 -11.21
CA ILE A 52 6.25 10.73 -10.01
C ILE A 52 5.21 9.65 -10.29
N SER A 53 4.12 9.99 -10.95
CA SER A 53 3.06 9.01 -11.14
C SER A 53 3.50 7.94 -12.11
N LEU A 54 4.26 8.30 -13.13
CA LEU A 54 4.68 7.31 -14.12
C LEU A 54 5.86 6.48 -13.61
N LEU A 55 6.89 7.11 -13.07
CA LEU A 55 8.04 6.36 -12.57
C LEU A 55 7.71 5.37 -11.43
N LYS A 56 6.69 5.68 -10.62
CA LYS A 56 6.18 4.76 -9.61
C LYS A 56 5.65 3.41 -10.20
N GLU A 57 5.14 3.42 -11.42
CA GLU A 57 4.66 2.20 -12.09
C GLU A 57 5.78 1.49 -12.83
N LEU A 58 6.73 2.26 -13.35
CA LEU A 58 7.77 1.70 -14.20
C LEU A 58 8.94 1.13 -13.40
N ASN A 59 8.98 -0.19 -13.25
CA ASN A 59 10.08 -0.82 -12.54
C ASN A 59 10.87 -1.73 -13.48
N HIS A 60 12.09 -1.32 -13.84
CA HIS A 60 12.86 -2.06 -14.84
C HIS A 60 14.32 -1.65 -14.72
N PRO A 61 15.24 -2.59 -14.84
CA PRO A 61 16.70 -2.33 -14.71
C PRO A 61 17.25 -1.13 -15.52
N ASN A 62 16.70 -0.90 -16.70
CA ASN A 62 17.07 0.18 -17.62
C ASN A 62 16.21 1.46 -17.53
N ILE A 63 15.48 1.56 -16.42
CA ILE A 63 14.72 2.76 -16.09
C ILE A 63 15.07 3.26 -14.68
N VAL A 64 15.43 4.53 -14.50
CA VAL A 64 15.92 5.01 -13.22
C VAL A 64 14.88 4.71 -12.13
N LYS A 65 15.36 4.33 -10.95
CA LYS A 65 14.51 3.86 -9.90
C LYS A 65 14.18 5.00 -8.94
N LEU A 66 12.89 5.34 -8.82
CA LEU A 66 12.39 6.32 -7.88
C LEU A 66 12.20 5.62 -6.54
N LEU A 67 12.99 6.03 -5.55
CA LEU A 67 13.06 5.28 -4.28
C LEU A 67 12.00 5.74 -3.28
N ASP A 68 11.81 7.03 -3.12
CA ASP A 68 10.93 7.59 -2.11
C ASP A 68 10.53 9.02 -2.46
N VAL A 69 9.30 9.37 -2.13
CA VAL A 69 8.85 10.77 -2.34
C VAL A 69 8.55 11.47 -1.04
N ILE A 70 9.39 12.43 -0.65
CA ILE A 70 9.29 13.03 0.67
C ILE A 70 8.52 14.32 0.52
N HIS A 71 7.39 14.36 1.21
CA HIS A 71 6.33 15.34 0.95
C HIS A 71 6.18 16.26 2.15
N THR A 72 6.47 17.54 1.99
CA THR A 72 6.34 18.49 3.11
C THR A 72 5.59 19.76 2.70
N GLU A 73 5.36 20.62 3.68
CA GLU A 73 4.61 21.86 3.51
C GLU A 73 5.15 22.71 2.35
N ASN A 74 6.43 23.05 2.40
CA ASN A 74 7.01 23.99 1.45
C ASN A 74 8.06 23.37 0.57
N LYS A 75 8.29 22.06 0.68
CA LYS A 75 9.21 21.38 -0.25
C LYS A 75 8.77 19.99 -0.74
N LEU A 76 9.16 19.61 -1.94
CA LEU A 76 8.91 18.24 -2.40
C LEU A 76 10.23 17.59 -2.81
N TYR A 77 10.63 16.51 -2.13
CA TYR A 77 11.91 15.87 -2.45
C TYR A 77 11.76 14.50 -3.15
N LEU A 78 12.36 14.36 -4.34
CA LEU A 78 12.36 13.09 -5.07
C LEU A 78 13.66 12.34 -4.84
N VAL A 79 13.61 11.14 -4.29
CA VAL A 79 14.81 10.34 -4.01
C VAL A 79 14.98 9.27 -5.10
N PHE A 80 16.02 9.41 -5.92
CA PHE A 80 16.34 8.42 -6.94
C PHE A 80 17.57 7.61 -6.56
N GLU A 81 17.77 6.49 -7.25
CA GLU A 81 19.03 5.76 -7.17
C GLU A 81 20.12 6.62 -7.80
N PHE A 82 21.35 6.56 -7.30
CA PHE A 82 22.43 7.38 -7.84
C PHE A 82 23.14 6.73 -9.03
N LEU A 83 23.32 7.47 -10.12
CA LEU A 83 24.10 7.04 -11.26
C LEU A 83 25.29 7.97 -11.48
N HIS A 84 26.38 7.44 -12.02
CA HIS A 84 27.66 8.19 -12.02
C HIS A 84 27.78 9.36 -13.01
N GLN A 85 27.15 9.24 -14.17
CA GLN A 85 26.96 10.40 -15.02
C GLN A 85 26.07 10.13 -16.21
N ASP A 86 25.89 11.15 -17.04
CA ASP A 86 25.01 11.04 -18.20
C ASP A 86 25.77 10.70 -19.49
N LEU A 87 25.07 10.40 -20.57
CA LEU A 87 25.73 10.00 -21.80
C LEU A 87 26.37 11.18 -22.53
N LYS A 88 25.77 12.36 -22.43
CA LYS A 88 26.29 13.57 -23.04
C LYS A 88 27.73 13.85 -22.64
N LYS A 89 27.98 13.92 -21.33
CA LYS A 89 29.30 14.13 -20.79
C LYS A 89 30.26 13.02 -21.17
N PHE A 90 29.77 11.80 -21.15
CA PHE A 90 30.60 10.65 -21.52
C PHE A 90 31.07 10.79 -22.95
N MET A 91 30.17 11.20 -23.84
CA MET A 91 30.50 11.38 -25.24
C MET A 91 31.48 12.53 -25.45
N ASP A 92 31.32 13.60 -24.67
CA ASP A 92 32.23 14.74 -24.71
C ASP A 92 33.63 14.28 -24.26
N ALA A 93 33.73 13.49 -23.20
CA ALA A 93 35.00 13.05 -22.65
C ALA A 93 35.61 11.92 -23.49
N SER A 94 34.78 11.12 -24.16
CA SER A 94 35.24 10.04 -25.02
C SER A 94 35.29 10.52 -26.47
N ALA A 95 35.16 11.82 -26.70
CA ALA A 95 35.30 12.39 -28.04
C ALA A 95 36.72 12.15 -28.55
N LEU A 96 36.94 12.35 -29.84
CA LEU A 96 38.26 12.14 -30.46
C LEU A 96 38.70 10.66 -30.50
N THR A 97 38.72 10.02 -29.34
CA THR A 97 38.97 8.57 -29.29
C THR A 97 37.73 7.79 -29.77
N GLY A 98 36.54 8.23 -29.35
CA GLY A 98 35.27 7.55 -29.64
C GLY A 98 34.90 6.53 -28.57
N ILE A 99 33.61 6.25 -28.48
CA ILE A 99 33.09 5.15 -27.67
C ILE A 99 33.19 3.84 -28.45
N PRO A 100 33.80 2.81 -27.85
CA PRO A 100 33.89 1.49 -28.47
C PRO A 100 32.56 0.96 -29.02
N LEU A 101 32.61 0.33 -30.19
CA LEU A 101 31.44 -0.27 -30.79
C LEU A 101 30.66 -1.16 -29.83
N PRO A 102 31.36 -2.06 -29.15
CA PRO A 102 30.70 -2.99 -28.24
C PRO A 102 29.91 -2.29 -27.15
N LEU A 103 30.39 -1.15 -26.70
CA LEU A 103 29.72 -0.42 -25.63
C LEU A 103 28.49 0.26 -26.20
N ILE A 104 28.63 0.79 -27.42
CA ILE A 104 27.52 1.41 -28.16
C ILE A 104 26.38 0.41 -28.34
N LYS A 105 26.77 -0.79 -28.80
CA LYS A 105 25.81 -1.85 -29.03
C LYS A 105 25.09 -2.25 -27.74
N SER A 106 25.83 -2.36 -26.64
CA SER A 106 25.25 -2.75 -25.35
C SER A 106 24.31 -1.66 -24.84
N TYR A 107 24.70 -0.40 -24.98
CA TYR A 107 23.87 0.70 -24.58
C TYR A 107 22.57 0.78 -25.37
N LEU A 108 22.61 0.68 -26.68
CA LEU A 108 21.38 0.69 -27.47
C LEU A 108 20.49 -0.48 -27.11
N PHE A 109 21.09 -1.63 -26.89
CA PHE A 109 20.33 -2.83 -26.55
C PHE A 109 19.59 -2.63 -25.23
N GLN A 110 20.29 -2.08 -24.23
CA GLN A 110 19.68 -1.76 -22.94
C GLN A 110 18.63 -0.65 -23.03
N LEU A 111 18.85 0.39 -23.83
CA LEU A 111 17.90 1.47 -24.00
C LEU A 111 16.64 0.99 -24.67
N LEU A 112 16.78 0.09 -25.63
CA LEU A 112 15.60 -0.48 -26.31
C LEU A 112 14.76 -1.37 -25.37
N GLN A 113 15.44 -2.01 -24.42
CA GLN A 113 14.73 -2.81 -23.42
C GLN A 113 13.90 -1.92 -22.48
N GLY A 114 14.45 -0.78 -22.07
CA GLY A 114 13.78 0.19 -21.20
C GLY A 114 12.63 0.83 -21.95
N LEU A 115 12.86 1.16 -23.21
CA LEU A 115 11.83 1.81 -24.01
C LEU A 115 10.68 0.83 -24.27
N ALA A 116 11.02 -0.45 -24.47
CA ALA A 116 10.00 -1.46 -24.78
C ALA A 116 9.10 -1.60 -23.55
N PHE A 117 9.68 -1.45 -22.37
CA PHE A 117 8.96 -1.60 -21.10
C PHE A 117 8.01 -0.41 -20.92
N CYS A 118 8.46 0.78 -21.29
CA CYS A 118 7.66 1.98 -21.17
C CYS A 118 6.43 1.88 -22.07
N HIS A 119 6.64 1.49 -23.33
CA HIS A 119 5.59 1.55 -24.34
C HIS A 119 4.57 0.47 -24.07
N SER A 120 5.01 -0.66 -23.55
CA SER A 120 4.08 -1.75 -23.19
C SER A 120 3.30 -1.38 -21.91
N HIS A 121 3.70 -0.31 -21.24
CA HIS A 121 2.95 0.20 -20.07
C HIS A 121 2.35 1.58 -20.38
N ARG A 122 2.02 1.79 -21.65
CA ARG A 122 1.45 3.06 -22.15
C ARG A 122 2.11 4.36 -21.62
N VAL A 123 3.44 4.38 -21.61
CA VAL A 123 4.18 5.59 -21.28
C VAL A 123 5.07 6.05 -22.44
N LEU A 124 4.87 7.28 -22.89
CA LEU A 124 5.76 7.90 -23.88
C LEU A 124 6.76 8.78 -23.15
N HIS A 125 8.03 8.73 -23.53
CA HIS A 125 9.05 9.53 -22.85
C HIS A 125 9.08 10.95 -23.40
N ARG A 126 9.12 11.02 -24.72
CA ARG A 126 8.96 12.26 -25.48
C ARG A 126 10.18 13.17 -25.52
N ASP A 127 11.16 12.87 -24.70
CA ASP A 127 12.30 13.77 -24.56
C ASP A 127 13.61 12.99 -24.46
N LEU A 128 13.82 12.02 -25.35
CA LEU A 128 15.06 11.23 -25.31
C LEU A 128 16.21 12.05 -25.91
N LYS A 129 17.24 12.22 -25.10
CA LYS A 129 18.46 12.90 -25.50
C LYS A 129 19.61 12.46 -24.61
N PRO A 130 20.83 12.66 -25.07
CA PRO A 130 22.01 12.17 -24.34
C PRO A 130 22.03 12.57 -22.86
N GLN A 131 21.66 13.81 -22.56
CA GLN A 131 21.75 14.32 -21.21
C GLN A 131 20.64 13.80 -20.31
N ASN A 132 19.69 13.07 -20.91
CA ASN A 132 18.65 12.37 -20.17
C ASN A 132 18.94 10.87 -19.95
N LEU A 133 20.06 10.39 -20.49
CA LEU A 133 20.44 8.99 -20.39
C LEU A 133 21.59 8.80 -19.42
N LEU A 134 21.40 8.01 -18.36
CA LEU A 134 22.36 7.93 -17.26
C LEU A 134 23.09 6.61 -17.24
N ILE A 135 24.39 6.65 -16.97
CA ILE A 135 25.26 5.44 -16.99
C ILE A 135 25.95 5.19 -15.65
N ASN A 136 26.38 3.95 -15.45
CA ASN A 136 27.18 3.68 -14.26
C ASN A 136 28.48 2.92 -14.57
N THR A 137 29.25 2.60 -13.54
CA THR A 137 30.58 2.00 -13.70
C THR A 137 30.48 0.54 -14.08
N GLU A 138 29.35 -0.10 -13.81
CA GLU A 138 29.15 -1.51 -14.15
C GLU A 138 28.72 -1.72 -15.62
N GLY A 139 28.44 -0.64 -16.33
CA GLY A 139 28.09 -0.71 -17.75
C GLY A 139 26.61 -0.64 -18.09
N ALA A 140 25.77 -0.32 -17.12
CA ALA A 140 24.35 -0.16 -17.33
C ALA A 140 24.03 1.25 -17.85
N ILE A 141 22.98 1.37 -18.64
CA ILE A 141 22.44 2.67 -19.03
C ILE A 141 20.93 2.70 -18.77
N LYS A 142 20.42 3.84 -18.35
CA LYS A 142 19.01 3.98 -17.93
C LYS A 142 18.30 5.24 -18.47
N LEU A 143 17.01 5.07 -18.77
CA LEU A 143 16.18 6.21 -19.13
C LEU A 143 15.90 7.05 -17.88
N ALA A 144 16.15 8.35 -17.97
CA ALA A 144 15.89 9.27 -16.90
C ALA A 144 15.08 10.48 -17.37
N ASP A 145 14.68 11.32 -16.41
CA ASP A 145 13.90 12.55 -16.66
C ASP A 145 12.59 12.34 -17.38
N PHE A 146 11.57 11.93 -16.61
CA PHE A 146 10.24 11.69 -17.19
C PHE A 146 9.31 12.90 -17.02
N GLY A 147 9.85 14.11 -16.87
CA GLY A 147 9.02 15.30 -16.77
C GLY A 147 8.04 15.56 -17.90
N LEU A 148 8.43 15.23 -19.12
CA LEU A 148 7.55 15.43 -20.26
C LEU A 148 6.92 14.09 -20.70
N ALA A 149 7.12 13.01 -19.95
CA ALA A 149 6.56 11.71 -20.30
C ALA A 149 5.04 11.83 -20.20
N ARG A 150 4.32 11.18 -21.11
CA ARG A 150 2.85 11.18 -21.10
C ARG A 150 2.32 9.77 -21.14
N ALA A 151 1.17 9.54 -20.52
CA ALA A 151 0.48 8.26 -20.60
C ALA A 151 -0.42 8.29 -21.85
N PHE A 152 -0.28 7.30 -22.75
CA PHE A 152 -1.09 7.28 -23.95
C PHE A 152 -2.20 6.24 -23.97
N GLY A 153 -2.90 6.13 -22.86
CA GLY A 153 -4.17 5.39 -22.85
C GLY A 153 -5.14 5.92 -23.87
N VAL A 154 -5.17 7.25 -23.97
CA VAL A 154 -5.74 8.00 -25.11
C VAL A 154 -4.62 8.70 -25.89
N PRO A 155 -4.72 8.77 -27.21
CA PRO A 155 -3.65 9.37 -27.97
C PRO A 155 -3.22 10.74 -27.44
N VAL A 156 -1.93 10.95 -27.40
CA VAL A 156 -1.35 12.18 -26.89
C VAL A 156 -1.26 13.27 -27.96
N ARG A 157 -1.99 14.34 -27.72
CA ARG A 157 -2.06 15.43 -28.70
C ARG A 157 -0.82 16.33 -28.68
N THR A 158 -0.42 16.80 -29.86
CA THR A 158 0.84 17.46 -30.06
C THR A 158 0.73 18.90 -29.63
N TYR A 159 1.85 19.39 -29.14
CA TYR A 159 1.98 20.78 -28.61
C TYR A 159 2.19 21.68 -29.83
N THR A 160 1.43 22.73 -30.01
CA THR A 160 1.69 23.58 -31.19
C THR A 160 3.03 24.27 -31.05
N HIS A 161 3.32 24.73 -29.83
CA HIS A 161 4.61 25.32 -29.50
C HIS A 161 5.43 24.37 -28.63
N GLU A 162 6.18 23.55 -29.35
CA GLU A 162 6.98 22.49 -28.75
C GLU A 162 7.95 22.99 -27.69
N VAL A 163 8.07 22.29 -26.57
CA VAL A 163 9.08 22.63 -25.56
C VAL A 163 10.06 21.46 -25.55
N VAL A 164 10.17 20.79 -26.69
CA VAL A 164 10.65 19.42 -26.71
C VAL A 164 11.95 19.15 -27.48
N THR A 165 12.93 20.04 -27.46
CA THR A 165 14.22 19.80 -28.11
C THR A 165 14.03 19.84 -29.62
N LEU A 166 15.09 20.06 -30.38
CA LEU A 166 14.99 20.21 -31.83
C LEU A 166 15.64 19.03 -32.53
N TRP A 167 16.88 18.77 -32.16
CA TRP A 167 17.74 17.77 -32.74
C TRP A 167 17.23 16.35 -32.81
N TYR A 168 16.49 15.94 -31.79
CA TYR A 168 16.02 14.56 -31.69
C TYR A 168 14.55 14.42 -32.01
N ARG A 169 14.01 15.39 -32.72
CA ARG A 169 12.58 15.47 -33.00
C ARG A 169 12.26 14.77 -34.32
N ALA A 170 11.19 13.99 -34.30
CA ALA A 170 10.74 13.23 -35.47
C ALA A 170 10.13 14.14 -36.52
N PRO A 171 10.22 13.77 -37.81
CA PRO A 171 9.74 14.62 -38.89
C PRO A 171 8.22 14.73 -38.93
N GLU A 172 7.52 13.74 -38.41
CA GLU A 172 6.05 13.81 -38.43
C GLU A 172 5.59 14.91 -37.48
N ILE A 173 6.29 15.07 -36.37
CA ILE A 173 6.00 16.15 -35.45
C ILE A 173 6.26 17.52 -36.06
N LEU A 174 7.40 17.61 -36.76
CA LEU A 174 7.83 18.83 -37.47
C LEU A 174 6.84 19.20 -38.57
N LEU A 175 6.18 18.24 -39.22
CA LEU A 175 5.28 18.57 -40.34
C LEU A 175 3.85 18.82 -39.85
N GLY A 176 3.69 18.86 -38.53
CA GLY A 176 2.43 19.26 -37.94
C GLY A 176 1.44 18.13 -37.73
N CYS A 177 1.95 16.97 -37.32
CA CYS A 177 1.08 15.90 -36.90
C CYS A 177 0.27 16.26 -35.64
N LYS A 178 -0.96 15.78 -35.57
CA LYS A 178 -1.88 16.09 -34.48
C LYS A 178 -1.59 15.25 -33.21
N TYR A 179 -1.00 14.07 -33.36
CA TYR A 179 -0.74 13.19 -32.23
C TYR A 179 0.70 12.68 -32.26
N TYR A 180 1.20 12.37 -31.07
CA TYR A 180 2.48 11.68 -30.94
C TYR A 180 2.22 10.19 -31.07
N SER A 181 3.28 9.38 -31.07
CA SER A 181 3.15 7.92 -31.03
C SER A 181 4.45 7.35 -30.44
N THR A 182 4.51 6.03 -30.26
CA THR A 182 5.70 5.38 -29.74
C THR A 182 6.86 5.60 -30.73
N ALA A 183 6.56 5.96 -31.97
CA ALA A 183 7.54 6.02 -33.05
C ALA A 183 8.52 7.17 -32.81
N VAL A 184 8.07 8.25 -32.15
CA VAL A 184 8.90 9.43 -31.93
C VAL A 184 10.07 9.11 -30.99
N ASP A 185 9.86 8.12 -30.13
CA ASP A 185 10.91 7.70 -29.20
C ASP A 185 11.96 6.88 -29.93
N ILE A 186 11.52 6.08 -30.91
CA ILE A 186 12.44 5.28 -31.73
C ILE A 186 13.33 6.15 -32.58
N TRP A 187 12.75 7.23 -33.13
CA TRP A 187 13.49 8.23 -33.94
C TRP A 187 14.57 8.93 -33.11
N SER A 188 14.21 9.39 -31.92
CA SER A 188 15.20 9.93 -31.00
C SER A 188 16.34 8.97 -30.64
N LEU A 189 16.01 7.70 -30.44
CA LEU A 189 17.04 6.73 -30.11
C LEU A 189 17.90 6.41 -31.33
N GLY A 190 17.31 6.43 -32.52
CA GLY A 190 18.05 6.30 -33.77
C GLY A 190 19.07 7.41 -33.92
N CYS A 191 18.67 8.64 -33.58
CA CYS A 191 19.58 9.78 -33.62
C CYS A 191 20.73 9.66 -32.62
N ILE A 192 20.48 9.12 -31.43
CA ILE A 192 21.47 9.04 -30.37
C ILE A 192 22.43 7.91 -30.74
N PHE A 193 21.90 6.87 -31.36
CA PHE A 193 22.72 5.76 -31.84
C PHE A 193 23.76 6.29 -32.85
N ALA A 194 23.31 7.01 -33.88
CA ALA A 194 24.24 7.59 -34.85
C ALA A 194 25.20 8.59 -34.22
N GLU A 195 24.75 9.27 -33.18
CA GLU A 195 25.60 10.26 -32.48
C GLU A 195 26.76 9.67 -31.70
N MET A 196 26.52 8.50 -31.09
CA MET A 196 27.56 7.78 -30.40
C MET A 196 28.58 7.24 -31.39
N VAL A 197 28.16 6.91 -32.61
CA VAL A 197 29.05 6.30 -33.60
C VAL A 197 29.91 7.33 -34.31
N THR A 198 29.29 8.41 -34.75
CA THR A 198 29.97 9.42 -35.57
C THR A 198 30.59 10.49 -34.71
N ARG A 199 30.41 10.39 -33.39
CA ARG A 199 30.90 11.39 -32.43
C ARG A 199 30.30 12.78 -32.61
N ARG A 200 29.17 12.88 -33.30
CA ARG A 200 28.47 14.16 -33.47
C ARG A 200 26.96 14.00 -33.71
N ALA A 201 26.21 15.05 -33.38
CA ALA A 201 24.78 15.04 -33.60
C ALA A 201 24.47 14.81 -35.09
N LEU A 202 23.42 14.02 -35.37
CA LEU A 202 23.05 13.65 -36.72
C LEU A 202 22.39 14.83 -37.42
N PHE A 203 21.38 15.42 -36.79
CA PHE A 203 20.62 16.54 -37.35
C PHE A 203 20.56 17.77 -36.42
N PRO A 204 21.68 18.53 -36.32
CA PRO A 204 21.75 19.67 -35.43
C PRO A 204 21.13 20.91 -36.04
N GLY A 205 19.81 21.00 -36.03
CA GLY A 205 19.10 22.15 -36.60
C GLY A 205 19.10 23.36 -35.69
N ASP A 206 18.76 24.51 -36.28
CA ASP A 206 18.71 25.76 -35.56
C ASP A 206 17.30 26.36 -35.51
N SER A 207 16.34 25.74 -36.20
CA SER A 207 14.92 26.08 -36.13
C SER A 207 14.12 24.92 -36.64
N GLU A 208 12.79 24.98 -36.53
CA GLU A 208 11.92 23.92 -37.05
CA GLU A 208 11.93 23.93 -37.04
C GLU A 208 12.22 23.60 -38.51
N ILE A 209 12.26 24.61 -39.37
CA ILE A 209 12.47 24.39 -40.80
C ILE A 209 13.89 23.94 -41.11
N ASP A 210 14.85 24.42 -40.33
CA ASP A 210 16.25 23.97 -40.53
C ASP A 210 16.43 22.48 -40.21
N GLN A 211 15.72 22.08 -39.15
CA GLN A 211 15.74 20.68 -38.69
C GLN A 211 15.19 19.77 -39.79
N LEU A 212 14.06 20.14 -40.35
CA LEU A 212 13.47 19.38 -41.44
C LEU A 212 14.43 19.27 -42.63
N PHE A 213 15.09 20.38 -42.97
CA PHE A 213 15.97 20.37 -44.14
C PHE A 213 17.25 19.58 -43.93
N ARG A 214 17.71 19.47 -42.69
CA ARG A 214 18.83 18.60 -42.37
C ARG A 214 18.46 17.14 -42.42
N ILE A 215 17.21 16.85 -42.07
CA ILE A 215 16.71 15.47 -42.14
C ILE A 215 16.62 15.09 -43.63
N PHE A 216 16.06 15.99 -44.44
CA PHE A 216 15.81 15.74 -45.86
C PHE A 216 17.14 15.62 -46.62
N ARG A 217 18.13 16.39 -46.18
CA ARG A 217 19.41 16.41 -46.87
C ARG A 217 20.12 15.09 -46.68
N THR A 218 19.85 14.35 -45.61
CA THR A 218 20.52 13.07 -45.37
C THR A 218 19.69 11.89 -45.83
N LEU A 219 18.39 11.88 -45.53
CA LEU A 219 17.54 10.75 -45.83
C LEU A 219 16.71 10.95 -47.09
N GLY A 220 16.87 12.12 -47.69
CA GLY A 220 16.14 12.49 -48.90
C GLY A 220 14.78 13.09 -48.61
N THR A 221 14.27 13.89 -49.54
CA THR A 221 12.96 14.54 -49.42
C THR A 221 11.90 13.48 -49.58
N PRO A 222 10.97 13.37 -48.63
CA PRO A 222 9.96 12.34 -48.68
C PRO A 222 8.85 12.61 -49.69
N ASP A 223 8.27 11.55 -50.24
CA ASP A 223 7.14 11.70 -51.13
C ASP A 223 6.07 10.69 -50.73
N GLU A 224 5.00 10.62 -51.52
CA GLU A 224 3.91 9.70 -51.23
C GLU A 224 4.24 8.21 -51.40
N VAL A 225 5.32 7.88 -52.11
CA VAL A 225 5.78 6.49 -52.22
C VAL A 225 6.36 6.02 -50.86
N VAL A 226 7.35 6.73 -50.33
CA VAL A 226 8.00 6.36 -49.06
C VAL A 226 7.09 6.56 -47.85
N TRP A 227 6.22 7.57 -47.91
CA TRP A 227 5.43 7.99 -46.76
C TRP A 227 4.10 8.58 -47.19
N PRO A 228 3.12 7.71 -47.38
CA PRO A 228 1.84 8.16 -47.89
C PRO A 228 1.13 9.14 -46.93
N GLY A 229 0.70 10.28 -47.44
CA GLY A 229 0.04 11.29 -46.65
C GLY A 229 0.93 12.49 -46.35
N VAL A 230 2.23 12.39 -46.59
CA VAL A 230 3.14 13.50 -46.34
C VAL A 230 2.61 14.79 -46.94
N THR A 231 2.20 14.71 -48.21
CA THR A 231 1.90 15.92 -48.97
C THR A 231 0.53 16.47 -48.62
N SER A 232 -0.14 15.87 -47.66
CA SER A 232 -1.41 16.39 -47.14
C SER A 232 -1.29 16.71 -45.66
N MET A 233 -0.07 16.97 -45.23
CA MET A 233 0.17 17.37 -43.86
C MET A 233 0.24 18.88 -43.75
N PRO A 234 -0.24 19.43 -42.61
CA PRO A 234 -0.38 20.87 -42.36
C PRO A 234 0.84 21.71 -42.72
N ASP A 235 2.01 21.30 -42.28
CA ASP A 235 3.20 22.13 -42.47
C ASP A 235 4.01 21.76 -43.73
N TYR A 236 3.48 20.83 -44.51
CA TYR A 236 4.16 20.41 -45.74
C TYR A 236 3.92 21.41 -46.88
N LYS A 237 4.98 21.71 -47.60
CA LYS A 237 4.96 22.65 -48.72
C LYS A 237 5.57 22.02 -50.00
N PRO A 238 4.83 22.13 -51.13
CA PRO A 238 5.35 21.66 -52.40
C PRO A 238 6.60 22.40 -52.84
N SER A 239 6.96 23.49 -52.18
CA SER A 239 8.19 24.21 -52.50
C SER A 239 9.47 23.63 -51.84
N PHE A 240 9.31 22.64 -50.97
CA PHE A 240 10.47 21.98 -50.42
C PHE A 240 11.39 21.54 -51.54
N PRO A 241 12.69 21.76 -51.39
CA PRO A 241 13.68 21.21 -52.32
C PRO A 241 13.67 19.69 -52.35
N LYS A 242 13.94 19.13 -53.53
CA LYS A 242 13.97 17.69 -53.72
C LYS A 242 15.40 17.18 -53.67
N TRP A 243 15.85 16.81 -52.48
CA TRP A 243 17.15 16.19 -52.29
C TRP A 243 17.04 14.67 -52.42
N ALA A 244 18.21 14.02 -52.51
CA ALA A 244 18.37 12.57 -52.70
C ALA A 244 18.80 11.82 -51.44
N ARG A 245 18.29 10.61 -51.28
CA ARG A 245 18.66 9.82 -50.12
C ARG A 245 20.12 9.40 -50.25
N GLN A 246 20.95 9.89 -49.32
CA GLN A 246 22.36 9.55 -49.32
C GLN A 246 22.52 8.13 -48.85
N ASP A 247 23.64 7.52 -49.26
CA ASP A 247 23.97 6.15 -48.88
C ASP A 247 24.32 6.15 -47.39
N PHE A 248 23.81 5.13 -46.70
CA PHE A 248 24.00 5.05 -45.26
C PHE A 248 25.45 4.80 -44.89
N SER A 249 26.24 4.32 -45.84
CA SER A 249 27.65 4.04 -45.59
C SER A 249 28.47 5.31 -45.41
N LYS A 250 27.97 6.42 -45.96
CA LYS A 250 28.70 7.67 -45.87
C LYS A 250 28.24 8.52 -44.67
N VAL A 251 27.07 8.15 -44.14
CA VAL A 251 26.46 8.83 -43.01
C VAL A 251 27.00 8.23 -41.73
N VAL A 252 27.04 6.89 -41.67
CA VAL A 252 27.67 6.17 -40.53
C VAL A 252 28.76 5.14 -40.90
N PRO A 253 29.95 5.65 -41.33
CA PRO A 253 31.03 4.82 -41.85
C PRO A 253 31.41 3.61 -40.97
N PRO A 254 31.69 3.83 -39.67
CA PRO A 254 32.30 2.77 -38.85
C PRO A 254 31.37 1.60 -38.57
N LEU A 255 30.12 1.70 -39.02
CA LEU A 255 29.09 0.73 -38.63
C LEU A 255 29.03 -0.42 -39.63
N ASP A 256 28.85 -1.65 -39.17
CA ASP A 256 28.75 -2.82 -40.08
C ASP A 256 27.40 -2.83 -40.80
N GLU A 257 27.08 -3.91 -41.49
CA GLU A 257 25.91 -3.94 -42.35
C GLU A 257 24.66 -4.05 -41.51
N ASP A 258 24.72 -4.88 -40.48
CA ASP A 258 23.55 -5.10 -39.63
C ASP A 258 23.14 -3.81 -38.92
N GLY A 259 24.15 -3.04 -38.54
CA GLY A 259 24.00 -1.76 -37.85
C GLY A 259 23.35 -0.71 -38.73
N ARG A 260 23.75 -0.66 -39.98
CA ARG A 260 23.15 0.25 -40.94
C ARG A 260 21.72 -0.16 -41.25
N SER A 261 21.44 -1.46 -41.19
CA SER A 261 20.07 -1.89 -41.47
C SER A 261 19.13 -1.46 -40.34
N LEU A 262 19.55 -1.65 -39.08
CA LEU A 262 18.73 -1.29 -37.92
C LEU A 262 18.54 0.23 -37.87
N LEU A 263 19.61 1.00 -38.03
CA LEU A 263 19.50 2.44 -37.93
C LEU A 263 18.54 2.95 -39.01
N SER A 264 18.60 2.29 -40.16
CA SER A 264 17.74 2.66 -41.27
C SER A 264 16.27 2.41 -40.96
N GLN A 265 15.98 1.34 -40.23
CA GLN A 265 14.59 1.02 -39.83
C GLN A 265 14.05 1.87 -38.65
N MET A 266 14.98 2.43 -37.88
CA MET A 266 14.65 3.33 -36.80
C MET A 266 14.41 4.74 -37.30
N LEU A 267 15.00 5.11 -38.43
CA LEU A 267 14.87 6.43 -39.04
C LEU A 267 14.00 6.42 -40.29
N HIS A 268 13.16 5.41 -40.41
CA HIS A 268 12.13 5.43 -41.45
C HIS A 268 11.23 6.66 -41.29
N TYR A 269 10.84 7.27 -42.41
CA TYR A 269 9.99 8.47 -42.42
C TYR A 269 8.58 8.21 -41.92
N ASP A 270 7.95 7.16 -42.42
CA ASP A 270 6.59 6.79 -42.06
C ASP A 270 6.58 6.16 -40.65
N PRO A 271 5.87 6.77 -39.72
CA PRO A 271 5.72 6.27 -38.36
C PRO A 271 5.14 4.88 -38.29
N ASN A 272 4.33 4.53 -39.28
CA ASN A 272 3.72 3.20 -39.34
C ASN A 272 4.71 2.10 -39.70
N LYS A 273 5.71 2.43 -40.53
CA LYS A 273 6.70 1.45 -40.96
C LYS A 273 7.87 1.38 -40.00
N ARG A 274 8.01 2.40 -39.16
CA ARG A 274 9.20 2.54 -38.34
C ARG A 274 9.29 1.40 -37.34
N ILE A 275 10.48 0.87 -37.11
CA ILE A 275 10.63 -0.27 -36.21
C ILE A 275 10.28 -0.01 -34.75
N SER A 276 9.56 -0.94 -34.13
CA SER A 276 9.23 -0.82 -32.70
C SER A 276 10.38 -1.21 -31.81
N ALA A 277 10.31 -0.92 -30.53
CA ALA A 277 11.41 -1.30 -29.62
C ALA A 277 11.47 -2.82 -29.46
N LYS A 278 10.33 -3.49 -29.35
CA LYS A 278 10.29 -4.95 -29.27
C LYS A 278 10.96 -5.58 -30.51
N ALA A 279 10.54 -5.20 -31.71
CA ALA A 279 11.10 -5.73 -32.95
C ALA A 279 12.60 -5.46 -33.09
N ALA A 280 13.06 -4.26 -32.70
CA ALA A 280 14.46 -3.88 -32.79
C ALA A 280 15.35 -4.81 -31.93
N LEU A 281 14.79 -5.27 -30.81
CA LEU A 281 15.52 -6.17 -29.88
C LEU A 281 15.77 -7.55 -30.50
N ALA A 282 14.94 -7.94 -31.46
CA ALA A 282 15.15 -9.20 -32.21
C ALA A 282 16.17 -9.09 -33.36
N HIS A 283 16.71 -7.91 -33.60
CA HIS A 283 17.50 -7.67 -34.82
C HIS A 283 18.87 -8.35 -34.70
N PRO A 284 19.33 -8.94 -35.82
CA PRO A 284 20.65 -9.59 -35.96
C PRO A 284 21.81 -8.71 -35.49
N PHE A 285 21.61 -7.40 -35.40
CA PHE A 285 22.70 -6.56 -34.93
C PHE A 285 23.08 -6.90 -33.49
N PHE A 286 22.14 -7.38 -32.67
CA PHE A 286 22.38 -7.61 -31.22
C PHE A 286 22.72 -9.07 -30.95
N GLN A 287 23.07 -9.79 -32.02
CA GLN A 287 23.39 -11.22 -31.89
C GLN A 287 24.62 -11.48 -31.00
N ASP A 288 25.60 -10.61 -31.14
CA ASP A 288 26.84 -10.71 -30.38
C ASP A 288 26.97 -9.61 -29.31
N VAL A 289 25.85 -9.23 -28.70
CA VAL A 289 25.87 -8.19 -27.66
C VAL A 289 26.54 -8.70 -26.38
N THR A 290 27.41 -7.87 -25.84
CA THR A 290 28.02 -8.14 -24.55
C THR A 290 27.77 -6.96 -23.59
N LYS A 291 28.41 -7.01 -22.43
CA LYS A 291 28.21 -5.98 -21.40
C LYS A 291 29.51 -5.41 -20.88
N PRO A 292 30.19 -4.66 -21.76
CA PRO A 292 31.48 -4.05 -21.41
C PRO A 292 31.31 -2.80 -20.52
N VAL A 293 32.31 -2.50 -19.72
CA VAL A 293 32.25 -1.35 -18.78
C VAL A 293 32.94 -0.13 -19.41
N PRO A 294 32.39 1.05 -19.16
CA PRO A 294 33.00 2.21 -19.74
C PRO A 294 34.27 2.65 -19.01
N HIS A 295 35.17 3.30 -19.73
CA HIS A 295 36.31 3.95 -19.11
C HIS A 295 35.82 5.28 -18.52
N LEU A 296 35.50 5.30 -17.24
CA LEU A 296 34.88 6.47 -16.62
C LEU A 296 35.76 7.37 -15.70
N VAL B 4 1.14 2.50 -34.30
CA VAL B 4 1.70 0.95 -34.67
C VAL B 4 1.19 0.15 -33.47
N PRO B 5 0.56 -0.97 -33.82
CA PRO B 5 -0.08 -1.91 -32.92
C PRO B 5 0.80 -3.08 -32.55
N ASP B 6 1.96 -2.86 -31.95
CA ASP B 6 2.78 -3.98 -31.49
C ASP B 6 2.54 -4.13 -29.99
N TYR B 7 1.97 -3.08 -29.39
CA TYR B 7 1.83 -2.91 -27.92
C TYR B 7 0.37 -2.85 -27.49
N HIS B 8 -0.53 -2.77 -28.46
CA HIS B 8 -1.97 -2.58 -28.21
C HIS B 8 -2.53 -3.66 -27.27
N GLU B 9 -1.97 -4.86 -27.37
CA GLU B 9 -2.37 -5.98 -26.54
C GLU B 9 -1.76 -5.96 -25.15
N ASP B 10 -0.50 -5.53 -25.02
CA ASP B 10 0.16 -5.32 -23.72
C ASP B 10 -0.49 -4.18 -22.92
N ILE B 11 -0.76 -3.06 -23.58
CA ILE B 11 -1.41 -1.92 -22.94
C ILE B 11 -2.74 -2.38 -22.39
N HIS B 12 -3.55 -3.01 -23.25
CA HIS B 12 -4.88 -3.42 -22.85
C HIS B 12 -4.80 -4.37 -21.63
N THR B 13 -3.81 -5.25 -21.62
CA THR B 13 -3.69 -6.17 -20.51
C THR B 13 -3.32 -5.40 -19.25
N TYR B 14 -2.41 -4.45 -19.41
CA TYR B 14 -1.90 -3.66 -18.29
C TYR B 14 -2.99 -2.76 -17.71
N LEU B 15 -3.76 -2.13 -18.60
CA LEU B 15 -4.84 -1.24 -18.18
C LEU B 15 -5.86 -2.06 -17.40
N ARG B 16 -5.98 -3.35 -17.71
CA ARG B 16 -6.90 -4.21 -17.00
C ARG B 16 -6.41 -4.53 -15.62
N GLU B 17 -5.09 -4.59 -15.48
CA GLU B 17 -4.46 -4.84 -14.18
C GLU B 17 -4.70 -3.62 -13.28
N MET B 18 -4.53 -2.45 -13.89
CA MET B 18 -4.45 -1.22 -13.18
C MET B 18 -5.83 -0.73 -12.73
N GLU B 19 -6.88 -1.16 -13.40
CA GLU B 19 -8.22 -0.68 -13.04
C GLU B 19 -8.71 -1.35 -11.77
N VAL B 20 -8.17 -2.51 -11.47
CA VAL B 20 -8.53 -3.19 -10.24
C VAL B 20 -7.81 -2.55 -9.05
N LYS B 21 -6.62 -2.02 -9.28
CA LYS B 21 -5.86 -1.27 -8.26
C LYS B 21 -6.33 0.16 -8.02
N CYS B 22 -6.82 0.83 -9.05
CA CYS B 22 -7.30 2.21 -8.93
C CYS B 22 -8.82 2.30 -8.69
N LYS B 23 -9.38 1.21 -8.22
CA LYS B 23 -10.82 1.12 -7.98
C LYS B 23 -11.16 1.81 -6.66
N PRO B 24 -12.10 2.76 -6.69
CA PRO B 24 -12.62 3.36 -5.48
C PRO B 24 -13.52 2.39 -4.69
N LYS B 25 -13.69 2.65 -3.39
CA LYS B 25 -14.56 1.82 -2.57
C LYS B 25 -16.03 1.92 -2.95
N VAL B 26 -16.71 0.78 -3.09
CA VAL B 26 -18.04 0.77 -3.70
C VAL B 26 -19.14 1.42 -2.84
N GLY B 27 -19.05 1.18 -1.55
CA GLY B 27 -20.06 1.72 -0.63
C GLY B 27 -19.52 2.85 0.22
N TYR B 28 -18.86 3.81 -0.43
CA TYR B 28 -18.13 4.87 0.29
C TYR B 28 -19.06 6.00 0.74
N MET B 29 -20.11 6.27 -0.05
CA MET B 29 -21.01 7.39 0.26
C MET B 29 -21.89 7.14 1.50
N LYS B 30 -22.11 5.87 1.80
CA LYS B 30 -22.93 5.48 2.94
C LYS B 30 -22.19 5.82 4.25
N LYS B 31 -20.86 5.77 4.22
CA LYS B 31 -20.06 6.04 5.41
C LYS B 31 -19.67 7.50 5.49
N GLN B 32 -20.07 8.30 4.51
CA GLN B 32 -19.83 9.73 4.50
C GLN B 32 -20.98 10.41 5.24
N PRO B 33 -20.66 11.01 6.39
CA PRO B 33 -21.66 11.58 7.30
C PRO B 33 -22.47 12.73 6.72
N ASP B 34 -21.84 13.58 5.93
CA ASP B 34 -22.45 14.87 5.55
C ASP B 34 -22.80 15.02 4.06
N ILE B 35 -22.26 14.18 3.18
CA ILE B 35 -22.54 14.35 1.76
C ILE B 35 -23.21 13.10 1.18
N THR B 36 -23.82 13.31 0.00
CA THR B 36 -24.69 12.34 -0.61
C THR B 36 -24.45 12.14 -2.11
N ASN B 37 -24.91 11.01 -2.65
CA ASN B 37 -24.83 10.70 -4.07
C ASN B 37 -25.38 11.85 -4.88
N SER B 38 -26.49 12.41 -4.41
CA SER B 38 -27.12 13.52 -5.11
C SER B 38 -26.25 14.76 -5.17
N MET B 39 -25.55 15.04 -4.08
CA MET B 39 -24.62 16.16 -4.01
C MET B 39 -23.43 15.90 -4.92
N ARG B 40 -23.05 14.62 -5.04
CA ARG B 40 -21.94 14.21 -5.90
C ARG B 40 -22.31 14.41 -7.36
N ALA B 41 -23.58 14.16 -7.67
CA ALA B 41 -24.11 14.36 -9.03
C ALA B 41 -24.02 15.82 -9.45
N ILE B 42 -24.33 16.73 -8.53
CA ILE B 42 -24.23 18.17 -8.84
C ILE B 42 -22.78 18.56 -9.13
N LEU B 43 -21.83 17.99 -8.39
CA LEU B 43 -20.42 18.37 -8.56
C LEU B 43 -19.88 17.94 -9.92
N VAL B 44 -20.13 16.68 -10.27
CA VAL B 44 -19.65 16.09 -11.52
C VAL B 44 -20.25 16.83 -12.70
N ASP B 45 -21.54 17.18 -12.58
CA ASP B 45 -22.26 17.92 -13.60
C ASP B 45 -21.59 19.25 -13.83
N TRP B 46 -21.29 19.93 -12.75
CA TRP B 46 -20.58 21.21 -12.82
C TRP B 46 -19.18 21.11 -13.45
N LEU B 47 -18.49 19.99 -13.18
CA LEU B 47 -17.18 19.77 -13.78
C LEU B 47 -17.28 19.57 -15.29
N VAL B 48 -18.43 19.15 -15.79
CA VAL B 48 -18.59 18.96 -17.22
C VAL B 48 -18.69 20.35 -17.83
N GLU B 49 -19.41 21.24 -17.17
CA GLU B 49 -19.57 22.63 -17.62
C GLU B 49 -18.22 23.37 -17.60
N VAL B 50 -17.41 23.10 -16.58
CA VAL B 50 -16.10 23.67 -16.48
C VAL B 50 -15.29 23.17 -17.66
N GLY B 51 -15.38 21.88 -17.98
CA GLY B 51 -14.70 21.32 -19.15
C GLY B 51 -15.04 21.98 -20.48
N GLU B 52 -16.33 22.27 -20.67
CA GLU B 52 -16.79 22.95 -21.86
C GLU B 52 -16.29 24.37 -21.88
N GLU B 53 -16.34 25.01 -20.73
CA GLU B 53 -15.94 26.42 -20.64
C GLU B 53 -14.49 26.65 -21.04
N TYR B 54 -13.59 25.81 -20.58
CA TYR B 54 -12.13 25.95 -20.82
C TYR B 54 -11.61 25.01 -21.91
N LYS B 55 -12.57 24.58 -22.74
CA LYS B 55 -12.27 23.66 -23.84
C LYS B 55 -11.34 22.52 -23.41
N LEU B 56 -11.60 21.89 -22.27
CA LEU B 56 -10.78 20.81 -21.75
C LEU B 56 -11.13 19.49 -22.41
N GLN B 57 -10.23 18.52 -22.31
CA GLN B 57 -10.45 17.20 -22.92
C GLN B 57 -11.35 16.36 -22.07
N ASN B 58 -12.00 15.39 -22.71
CA ASN B 58 -12.95 14.53 -22.04
C ASN B 58 -12.21 13.61 -21.06
N GLU B 59 -10.98 13.27 -21.37
CA GLU B 59 -10.19 12.43 -20.48
C GLU B 59 -9.92 13.12 -19.14
N THR B 60 -9.72 14.42 -19.20
CA THR B 60 -9.47 15.25 -18.02
C THR B 60 -10.63 15.15 -17.08
N LEU B 61 -11.83 15.22 -17.63
CA LEU B 61 -13.04 15.02 -16.82
C LEU B 61 -13.10 13.65 -16.12
N HIS B 62 -12.91 12.59 -16.89
CA HIS B 62 -12.91 11.24 -16.35
C HIS B 62 -11.84 11.05 -15.25
N LEU B 63 -10.63 11.58 -15.45
CA LEU B 63 -9.58 11.45 -14.44
C LEU B 63 -9.98 12.17 -13.14
N ALA B 64 -10.58 13.36 -13.25
CA ALA B 64 -10.98 14.17 -12.08
C ALA B 64 -12.01 13.42 -11.21
N VAL B 65 -12.99 12.76 -11.84
CA VAL B 65 -13.98 12.00 -11.06
C VAL B 65 -13.32 10.78 -10.41
N ASN B 66 -12.32 10.20 -11.03
CA ASN B 66 -11.59 9.12 -10.38
C ASN B 66 -10.85 9.57 -9.11
N TYR B 67 -10.25 10.77 -9.16
CA TYR B 67 -9.56 11.35 -8.03
C TYR B 67 -10.51 11.68 -6.90
N ILE B 68 -11.68 12.20 -7.25
CA ILE B 68 -12.71 12.54 -6.27
C ILE B 68 -13.20 11.30 -5.54
N ASP B 69 -13.47 10.23 -6.27
CA ASP B 69 -14.05 9.03 -5.63
C ASP B 69 -13.04 8.30 -4.74
N ARG B 70 -11.78 8.29 -5.15
CA ARG B 70 -10.71 7.65 -4.38
C ARG B 70 -10.43 8.47 -3.15
N PHE B 71 -10.57 9.80 -3.29
CA PHE B 71 -10.36 10.71 -2.18
C PHE B 71 -11.49 10.61 -1.16
N LEU B 72 -12.72 10.61 -1.66
CA LEU B 72 -13.89 10.46 -0.79
C LEU B 72 -14.03 9.03 -0.21
N SER B 73 -13.19 8.11 -0.66
CA SER B 73 -13.17 6.78 -0.08
C SER B 73 -12.37 6.71 1.22
N SER B 74 -11.42 7.59 1.44
CA SER B 74 -10.60 7.49 2.65
C SER B 74 -10.72 8.74 3.54
N MET B 75 -11.34 9.80 3.01
CA MET B 75 -11.45 11.07 3.73
C MET B 75 -12.88 11.54 3.81
N SER B 76 -13.27 11.92 5.00
CA SER B 76 -14.57 12.57 5.24
C SER B 76 -14.53 14.04 4.91
N VAL B 77 -15.50 14.48 4.12
CA VAL B 77 -15.57 15.86 3.63
C VAL B 77 -16.96 16.42 3.90
N LEU B 78 -16.99 17.67 4.36
CA LEU B 78 -18.26 18.37 4.62
C LEU B 78 -18.78 19.02 3.34
N ARG B 79 -20.08 19.30 3.28
CA ARG B 79 -20.72 19.75 2.06
C ARG B 79 -20.10 21.03 1.54
N GLY B 80 -19.52 21.81 2.44
CA GLY B 80 -18.92 23.10 2.10
C GLY B 80 -17.52 23.00 1.56
N LYS B 81 -16.99 21.77 1.58
CA LYS B 81 -15.62 21.60 1.09
C LYS B 81 -15.63 20.64 -0.09
N LEU B 82 -16.79 20.15 -0.47
CA LEU B 82 -16.90 19.18 -1.55
C LEU B 82 -16.47 19.82 -2.85
N GLN B 83 -16.87 21.08 -3.02
CA GLN B 83 -16.51 21.77 -4.27
C GLN B 83 -15.00 22.03 -4.27
N LEU B 84 -14.40 22.18 -3.10
CA LEU B 84 -12.95 22.42 -3.06
C LEU B 84 -12.24 21.12 -3.51
N VAL B 85 -12.74 19.98 -3.06
CA VAL B 85 -12.15 18.70 -3.43
C VAL B 85 -12.31 18.48 -4.93
N GLY B 86 -13.45 18.91 -5.50
CA GLY B 86 -13.67 18.84 -6.94
C GLY B 86 -12.75 19.73 -7.75
N THR B 87 -12.57 20.97 -7.28
CA THR B 87 -11.67 21.93 -7.93
C THR B 87 -10.22 21.43 -8.00
N ALA B 88 -9.71 20.96 -6.87
CA ALA B 88 -8.35 20.46 -6.79
C ALA B 88 -8.15 19.22 -7.70
N ALA B 89 -9.13 18.32 -7.70
CA ALA B 89 -9.16 17.22 -8.67
C ALA B 89 -9.04 17.69 -10.12
N MET B 90 -9.79 18.72 -10.47
CA MET B 90 -9.81 19.19 -11.85
C MET B 90 -8.49 19.88 -12.21
N LEU B 91 -7.90 20.59 -11.23
CA LEU B 91 -6.56 21.17 -11.43
C LEU B 91 -5.49 20.09 -11.65
N LEU B 92 -5.49 19.06 -10.80
CA LEU B 92 -4.55 17.95 -10.93
C LEU B 92 -4.70 17.21 -12.27
N ALA B 93 -5.92 16.82 -12.62
CA ALA B 93 -6.14 16.09 -13.87
C ALA B 93 -5.76 16.98 -15.05
N SER B 94 -5.86 18.31 -14.89
CA SER B 94 -5.52 19.21 -15.97
C SER B 94 -4.01 19.22 -16.17
N LYS B 95 -3.29 19.22 -15.07
CA LYS B 95 -1.83 19.22 -15.13
C LYS B 95 -1.32 17.90 -15.68
N PHE B 96 -1.99 16.82 -15.32
CA PHE B 96 -1.62 15.50 -15.78
C PHE B 96 -1.89 15.30 -17.28
N GLU B 97 -3.08 15.70 -17.69
CA GLU B 97 -3.57 15.36 -19.01
C GLU B 97 -3.46 16.47 -20.05
N GLU B 98 -3.69 17.73 -19.70
CA GLU B 98 -3.68 18.84 -20.68
C GLU B 98 -2.26 19.26 -21.05
N ILE B 99 -2.08 19.71 -22.28
CA ILE B 99 -0.81 20.25 -22.75
C ILE B 99 -0.36 21.38 -21.83
N TYR B 100 -1.20 22.41 -21.69
CA TYR B 100 -0.96 23.51 -20.73
C TYR B 100 -2.30 23.91 -20.14
N PRO B 101 -2.53 23.53 -18.87
CA PRO B 101 -3.81 23.73 -18.20
C PRO B 101 -4.07 25.13 -17.73
N PRO B 102 -5.33 25.41 -17.35
CA PRO B 102 -5.66 26.72 -16.83
C PRO B 102 -4.82 27.07 -15.61
N GLU B 103 -4.62 28.36 -15.40
CA GLU B 103 -3.99 28.85 -14.18
C GLU B 103 -4.87 28.68 -12.95
N VAL B 104 -4.25 28.78 -11.76
CA VAL B 104 -5.01 28.55 -10.51
C VAL B 104 -6.09 29.62 -10.36
N ALA B 105 -5.71 30.83 -10.75
CA ALA B 105 -6.58 32.00 -10.68
C ALA B 105 -7.90 31.68 -11.41
N GLU B 106 -7.82 30.97 -12.52
CA GLU B 106 -9.04 30.64 -13.27
C GLU B 106 -9.87 29.64 -12.48
N PHE B 107 -9.20 28.73 -11.80
CA PHE B 107 -9.89 27.72 -11.03
C PHE B 107 -10.55 28.31 -9.81
N VAL B 108 -10.07 29.45 -9.31
CA VAL B 108 -10.71 30.21 -8.22
C VAL B 108 -11.94 30.94 -8.75
N TYR B 109 -11.82 31.49 -9.95
CA TYR B 109 -12.90 32.23 -10.62
C TYR B 109 -14.16 31.39 -10.92
N ILE B 110 -13.95 30.11 -11.31
CA ILE B 110 -15.05 29.22 -11.68
C ILE B 110 -15.82 28.77 -10.44
N THR B 111 -15.22 28.86 -9.26
CA THR B 111 -15.95 28.60 -8.03
C THR B 111 -16.74 29.81 -7.53
N ASP B 112 -16.56 30.94 -8.21
CA ASP B 112 -17.15 32.22 -7.80
C ASP B 112 -16.49 32.76 -6.54
N ASP B 113 -15.16 32.73 -6.55
CA ASP B 113 -14.31 33.08 -5.40
C ASP B 113 -14.84 32.61 -4.06
N THR B 114 -15.49 31.45 -4.02
CA THR B 114 -15.95 30.91 -2.75
C THR B 114 -14.77 30.36 -1.94
N TYR B 115 -13.68 30.00 -2.63
CA TYR B 115 -12.43 29.59 -2.00
C TYR B 115 -11.28 30.48 -2.45
N THR B 116 -10.23 30.47 -1.65
CA THR B 116 -9.03 31.24 -1.99
C THR B 116 -8.00 30.42 -2.76
N LYS B 117 -7.10 31.14 -3.43
CA LYS B 117 -6.02 30.52 -4.20
C LYS B 117 -5.15 29.60 -3.32
N LYS B 118 -4.97 30.00 -2.06
CA LYS B 118 -4.22 29.19 -1.08
C LYS B 118 -4.94 27.88 -0.80
N GLN B 119 -6.23 27.96 -0.53
CA GLN B 119 -7.02 26.77 -0.21
C GLN B 119 -6.97 25.70 -1.35
N VAL B 120 -7.14 26.17 -2.58
CA VAL B 120 -7.11 25.27 -3.73
C VAL B 120 -5.76 24.57 -3.80
N LEU B 121 -4.71 25.37 -3.70
CA LEU B 121 -3.35 24.83 -3.70
C LEU B 121 -3.02 23.92 -2.51
N ARG B 122 -3.60 24.16 -1.34
CA ARG B 122 -3.34 23.31 -0.18
C ARG B 122 -4.11 22.01 -0.33
N MET B 123 -5.28 22.07 -0.96
CA MET B 123 -6.08 20.87 -1.26
C MET B 123 -5.40 20.06 -2.34
N GLU B 124 -4.78 20.72 -3.31
CA GLU B 124 -4.03 20.03 -4.35
C GLU B 124 -2.99 19.11 -3.68
N HIS B 125 -2.26 19.68 -2.75
CA HIS B 125 -1.25 18.93 -2.01
C HIS B 125 -1.89 17.76 -1.25
N LEU B 126 -3.05 17.99 -0.63
CA LEU B 126 -3.66 16.97 0.20
C LEU B 126 -4.19 15.80 -0.65
N VAL B 127 -4.68 16.11 -1.83
CA VAL B 127 -5.18 15.06 -2.74
C VAL B 127 -4.06 14.18 -3.25
N LEU B 128 -2.92 14.80 -3.57
CA LEU B 128 -1.71 14.07 -3.97
C LEU B 128 -1.26 13.15 -2.85
N LYS B 129 -1.33 13.62 -1.61
CA LYS B 129 -0.93 12.80 -0.47
C LYS B 129 -1.83 11.56 -0.33
N VAL B 130 -3.14 11.74 -0.40
CA VAL B 130 -4.09 10.66 -0.18
C VAL B 130 -4.09 9.63 -1.32
N LEU B 131 -3.97 10.10 -2.56
CA LEU B 131 -3.86 9.25 -3.71
C LEU B 131 -2.47 8.64 -3.86
N THR B 132 -1.52 9.07 -3.03
CA THR B 132 -0.10 8.67 -3.07
C THR B 132 0.57 8.86 -4.45
N PHE B 133 0.27 10.01 -5.04
CA PHE B 133 0.69 10.43 -6.38
C PHE B 133 0.39 9.41 -7.51
N ASP B 134 -0.56 8.51 -7.30
CA ASP B 134 -0.96 7.59 -8.34
C ASP B 134 -2.08 8.19 -9.17
N LEU B 135 -1.70 8.95 -10.22
CA LEU B 135 -2.66 9.71 -10.99
C LEU B 135 -2.99 9.12 -12.35
N ALA B 136 -2.22 8.13 -12.80
CA ALA B 136 -2.35 7.52 -14.15
C ALA B 136 -3.42 6.43 -14.09
N ALA B 137 -4.69 6.80 -13.88
CA ALA B 137 -5.78 5.84 -13.64
C ALA B 137 -6.54 5.54 -14.94
N PRO B 138 -6.80 4.26 -15.19
CA PRO B 138 -7.65 3.83 -16.30
C PRO B 138 -9.07 4.37 -16.24
N THR B 139 -9.61 4.73 -17.41
CA THR B 139 -10.92 5.37 -17.44
C THR B 139 -11.75 4.74 -18.53
N VAL B 140 -13.07 4.96 -18.47
CA VAL B 140 -14.00 4.46 -19.47
C VAL B 140 -13.59 5.01 -20.82
N ASN B 141 -13.23 6.29 -20.83
CA ASN B 141 -12.78 6.98 -22.03
C ASN B 141 -11.54 6.28 -22.63
N GLN B 142 -10.64 5.79 -21.78
CA GLN B 142 -9.46 5.10 -22.29
C GLN B 142 -9.89 3.78 -22.96
N PHE B 143 -10.67 2.98 -22.25
CA PHE B 143 -11.11 1.69 -22.82
C PHE B 143 -11.97 1.86 -24.07
N LEU B 144 -12.77 2.91 -24.15
CA LEU B 144 -13.55 3.16 -25.37
C LEU B 144 -12.67 3.38 -26.59
N THR B 145 -11.62 4.19 -26.42
CA THR B 145 -10.67 4.51 -27.49
C THR B 145 -10.04 3.22 -27.99
N GLN B 146 -9.65 2.31 -27.09
CA GLN B 146 -9.04 1.04 -27.50
C GLN B 146 -10.08 0.14 -28.17
N TYR B 147 -11.31 0.19 -27.69
CA TYR B 147 -12.40 -0.59 -28.27
C TYR B 147 -12.67 -0.08 -29.67
N PHE B 148 -12.58 1.22 -29.89
CA PHE B 148 -12.98 1.80 -31.19
C PHE B 148 -12.14 1.22 -32.32
N LEU B 149 -10.95 0.72 -32.01
CA LEU B 149 -10.13 0.11 -33.06
C LEU B 149 -10.70 -1.23 -33.59
N HIS B 150 -11.81 -1.72 -33.02
CA HIS B 150 -12.41 -2.99 -33.45
C HIS B 150 -13.74 -2.79 -34.18
N GLN B 151 -13.96 -1.56 -34.65
CA GLN B 151 -15.11 -1.24 -35.52
C GLN B 151 -14.86 -1.63 -36.98
N GLN B 152 -15.89 -2.20 -37.60
CA GLN B 152 -15.86 -2.59 -39.02
C GLN B 152 -17.17 -2.15 -39.65
N PRO B 153 -17.18 -0.98 -40.31
CA PRO B 153 -16.08 -0.01 -40.28
C PRO B 153 -16.29 1.06 -39.19
N ALA B 154 -15.46 2.09 -39.21
CA ALA B 154 -15.56 3.17 -38.22
C ALA B 154 -16.82 3.98 -38.50
N ASN B 155 -17.43 4.46 -37.42
CA ASN B 155 -18.65 5.26 -37.52
C ASN B 155 -18.60 6.37 -36.48
N CYS B 156 -18.75 7.60 -36.95
CA CYS B 156 -18.64 8.76 -36.07
C CYS B 156 -19.77 8.91 -35.06
N LYS B 157 -20.99 8.53 -35.45
CA LYS B 157 -22.13 8.59 -34.55
C LYS B 157 -21.98 7.54 -33.45
N VAL B 158 -21.42 6.39 -33.79
CA VAL B 158 -21.25 5.36 -32.80
C VAL B 158 -20.25 5.83 -31.73
N GLU B 159 -19.13 6.44 -32.14
CA GLU B 159 -18.06 6.86 -31.23
C GLU B 159 -18.57 7.96 -30.31
N SER B 160 -19.20 8.97 -30.89
CA SER B 160 -19.76 10.05 -30.06
C SER B 160 -20.84 9.58 -29.08
N LEU B 161 -21.64 8.60 -29.47
CA LEU B 161 -22.75 8.16 -28.63
C LEU B 161 -22.20 7.25 -27.50
N ALA B 162 -21.13 6.54 -27.77
CA ALA B 162 -20.53 5.68 -26.76
C ALA B 162 -19.85 6.54 -25.70
N MET B 163 -19.25 7.65 -26.13
CA MET B 163 -18.66 8.65 -25.23
C MET B 163 -19.75 9.29 -24.38
N PHE B 164 -20.83 9.64 -25.04
CA PHE B 164 -21.95 10.24 -24.35
C PHE B 164 -22.44 9.38 -23.18
N LEU B 165 -22.65 8.09 -23.45
CA LEU B 165 -23.14 7.17 -22.43
C LEU B 165 -22.08 7.00 -21.32
N GLY B 166 -20.83 7.03 -21.75
CA GLY B 166 -19.77 6.87 -20.82
C GLY B 166 -19.67 8.03 -19.85
N GLU B 167 -19.95 9.24 -20.34
CA GLU B 167 -20.00 10.40 -19.44
C GLU B 167 -21.20 10.34 -18.50
N LEU B 168 -22.34 9.83 -18.97
CA LEU B 168 -23.56 9.79 -18.14
C LEU B 168 -23.32 8.92 -16.91
N SER B 169 -22.43 7.93 -17.01
CA SER B 169 -22.15 7.04 -15.87
C SER B 169 -21.33 7.71 -14.79
N LEU B 170 -20.65 8.80 -15.15
CA LEU B 170 -19.86 9.57 -14.20
C LEU B 170 -20.73 10.30 -13.15
N ILE B 171 -22.00 10.54 -13.49
CA ILE B 171 -22.89 11.34 -12.67
C ILE B 171 -23.46 10.59 -11.47
N ASP B 172 -23.86 9.35 -11.70
CA ASP B 172 -24.49 8.53 -10.66
C ASP B 172 -23.56 7.48 -10.05
N ALA B 173 -23.07 7.75 -8.84
CA ALA B 173 -22.24 6.78 -8.14
C ALA B 173 -22.97 5.46 -7.90
N ASP B 174 -24.23 5.53 -7.47
CA ASP B 174 -25.07 4.35 -7.40
C ASP B 174 -25.91 4.35 -8.69
N PRO B 175 -25.77 3.36 -9.60
CA PRO B 175 -25.11 2.07 -9.47
C PRO B 175 -23.68 1.96 -9.99
N TYR B 176 -23.18 2.98 -10.70
CA TYR B 176 -22.00 2.80 -11.57
C TYR B 176 -20.62 2.60 -10.90
N LEU B 177 -20.55 2.74 -9.58
CA LEU B 177 -19.33 2.36 -8.85
C LEU B 177 -19.19 0.85 -8.63
N LYS B 178 -20.22 0.08 -8.98
CA LYS B 178 -20.13 -1.40 -9.03
C LYS B 178 -19.29 -1.94 -10.18
N TYR B 179 -19.19 -1.19 -11.26
CA TYR B 179 -18.60 -1.66 -12.48
C TYR B 179 -17.24 -1.04 -12.70
N LEU B 180 -16.29 -1.86 -13.13
CA LEU B 180 -14.98 -1.41 -13.57
C LEU B 180 -15.11 -0.63 -14.87
N PRO B 181 -14.17 0.29 -15.13
CA PRO B 181 -14.24 1.15 -16.33
C PRO B 181 -14.33 0.34 -17.61
N SER B 182 -13.67 -0.81 -17.66
CA SER B 182 -13.68 -1.66 -18.87
C SER B 182 -15.05 -2.26 -19.17
N VAL B 183 -15.79 -2.56 -18.11
CA VAL B 183 -17.12 -3.11 -18.26
C VAL B 183 -18.09 -2.04 -18.74
N ILE B 184 -18.05 -0.86 -18.11
CA ILE B 184 -18.91 0.25 -18.51
C ILE B 184 -18.63 0.65 -19.97
N ALA B 185 -17.35 0.62 -20.33
CA ALA B 185 -16.93 0.96 -21.70
C ALA B 185 -17.49 -0.06 -22.68
N GLY B 186 -17.59 -1.30 -22.23
CA GLY B 186 -18.20 -2.36 -23.03
C GLY B 186 -19.70 -2.21 -23.30
N ALA B 187 -20.46 -2.06 -22.22
CA ALA B 187 -21.89 -1.77 -22.34
C ALA B 187 -22.16 -0.53 -23.21
N ALA B 188 -21.41 0.54 -22.97
CA ALA B 188 -21.55 1.79 -23.70
C ALA B 188 -21.33 1.59 -25.19
N PHE B 189 -20.29 0.84 -25.53
CA PHE B 189 -19.94 0.55 -26.91
C PHE B 189 -21.08 -0.18 -27.59
N HIS B 190 -21.51 -1.27 -26.97
CA HIS B 190 -22.63 -2.09 -27.49
C HIS B 190 -23.90 -1.29 -27.69
N LEU B 191 -24.23 -0.48 -26.69
CA LEU B 191 -25.45 0.28 -26.73
C LEU B 191 -25.42 1.34 -27.85
N ALA B 192 -24.24 1.92 -28.09
CA ALA B 192 -24.07 2.94 -29.14
C ALA B 192 -24.14 2.25 -30.51
N LEU B 193 -23.53 1.06 -30.57
CA LEU B 193 -23.49 0.23 -31.76
C LEU B 193 -24.88 -0.30 -32.15
N TYR B 194 -25.61 -0.73 -31.14
CA TYR B 194 -26.97 -1.23 -31.32
C TYR B 194 -27.91 -0.12 -31.76
N THR B 195 -27.78 1.03 -31.11
CA THR B 195 -28.69 2.14 -31.31
C THR B 195 -28.58 2.77 -32.72
N VAL B 196 -27.38 2.85 -33.27
CA VAL B 196 -27.14 3.57 -34.52
C VAL B 196 -27.32 2.63 -35.71
N THR B 197 -26.80 1.40 -35.60
CA THR B 197 -26.74 0.49 -36.75
C THR B 197 -27.50 -0.83 -36.54
N GLY B 198 -27.66 -1.25 -35.30
CA GLY B 198 -28.36 -2.50 -34.97
C GLY B 198 -27.45 -3.69 -34.77
N GLN B 199 -26.15 -3.45 -34.96
CA GLN B 199 -25.09 -4.43 -34.72
C GLN B 199 -24.82 -4.65 -33.23
N SER B 200 -23.94 -5.60 -32.92
CA SER B 200 -23.69 -5.95 -31.54
C SER B 200 -22.21 -5.95 -31.17
N TRP B 201 -21.97 -6.11 -29.89
CA TRP B 201 -20.65 -6.30 -29.34
C TRP B 201 -19.96 -7.39 -30.16
N PRO B 202 -18.92 -7.02 -30.94
CA PRO B 202 -18.34 -7.91 -31.91
C PRO B 202 -17.48 -9.01 -31.32
N GLU B 203 -17.23 -10.06 -32.10
CA GLU B 203 -16.46 -11.22 -31.67
C GLU B 203 -15.01 -10.87 -31.35
N SER B 204 -14.44 -9.97 -32.14
CA SER B 204 -13.07 -9.48 -31.90
C SER B 204 -12.86 -9.08 -30.42
N LEU B 205 -13.80 -8.29 -29.90
CA LEU B 205 -13.77 -7.78 -28.53
C LEU B 205 -14.18 -8.83 -27.51
N ILE B 206 -14.96 -9.82 -27.93
CA ILE B 206 -15.28 -10.94 -27.06
C ILE B 206 -14.02 -11.71 -26.68
N ARG B 207 -13.20 -11.92 -27.70
CA ARG B 207 -11.95 -12.64 -27.48
CA ARG B 207 -11.93 -12.63 -27.51
C ARG B 207 -10.91 -11.80 -26.72
N LYS B 208 -10.73 -10.56 -27.14
CA LYS B 208 -9.73 -9.69 -26.56
C LYS B 208 -10.01 -9.48 -25.08
N THR B 209 -11.27 -9.19 -24.74
CA THR B 209 -11.60 -8.70 -23.40
C THR B 209 -11.93 -9.86 -22.48
N GLY B 210 -12.36 -10.95 -23.10
CA GLY B 210 -12.82 -12.11 -22.38
C GLY B 210 -14.24 -11.90 -21.91
N TYR B 211 -14.90 -10.85 -22.40
CA TYR B 211 -16.29 -10.55 -22.00
C TYR B 211 -17.32 -10.97 -23.05
N THR B 212 -18.22 -11.86 -22.67
CA THR B 212 -19.35 -12.23 -23.53
C THR B 212 -20.43 -11.17 -23.39
N LEU B 213 -21.33 -11.11 -24.36
CA LEU B 213 -22.46 -10.19 -24.29
C LEU B 213 -23.29 -10.43 -23.04
N GLU B 214 -23.37 -11.69 -22.62
CA GLU B 214 -24.10 -12.06 -21.41
C GLU B 214 -23.45 -11.47 -20.14
N SER B 215 -22.12 -11.50 -20.06
CA SER B 215 -21.41 -10.93 -18.92
C SER B 215 -21.72 -9.43 -18.78
N LEU B 216 -21.94 -8.76 -19.92
CA LEU B 216 -22.17 -7.31 -19.94
C LEU B 216 -23.59 -6.94 -19.53
N LYS B 217 -24.44 -7.96 -19.52
CA LYS B 217 -25.88 -7.74 -19.43
C LYS B 217 -26.35 -6.87 -18.25
N PRO B 218 -25.90 -7.14 -17.02
CA PRO B 218 -26.35 -6.35 -15.89
C PRO B 218 -26.05 -4.88 -16.01
N CYS B 219 -24.83 -4.59 -16.47
CA CYS B 219 -24.38 -3.22 -16.62
C CYS B 219 -25.07 -2.55 -17.81
N LEU B 220 -25.35 -3.33 -18.84
CA LEU B 220 -26.02 -2.83 -20.02
C LEU B 220 -27.45 -2.42 -19.70
N MET B 221 -28.08 -3.09 -18.75
CA MET B 221 -29.45 -2.77 -18.37
C MET B 221 -29.53 -1.50 -17.54
N ASP B 222 -28.52 -1.30 -16.70
CA ASP B 222 -28.40 -0.05 -15.92
C ASP B 222 -28.22 1.16 -16.85
N LEU B 223 -27.33 1.00 -17.81
CA LEU B 223 -27.06 2.08 -18.77
C LEU B 223 -28.23 2.34 -19.74
N HIS B 224 -28.94 1.26 -20.10
CA HIS B 224 -30.16 1.39 -20.90
C HIS B 224 -31.26 2.24 -20.23
N GLN B 225 -31.48 2.03 -18.93
CA GLN B 225 -32.41 2.83 -18.14
C GLN B 225 -31.93 4.27 -17.92
N THR B 226 -30.63 4.44 -17.68
CA THR B 226 -30.06 5.81 -17.60
C THR B 226 -30.29 6.60 -18.89
N TYR B 227 -30.08 5.90 -20.01
CA TYR B 227 -30.16 6.49 -21.35
C TYR B 227 -31.63 6.88 -21.60
N LEU B 228 -32.53 5.98 -21.23
CA LEU B 228 -33.98 6.23 -21.39
C LEU B 228 -34.46 7.38 -20.49
N LYS B 229 -33.92 7.45 -19.27
CA LYS B 229 -34.36 8.46 -18.31
C LYS B 229 -33.51 9.73 -18.32
N ALA B 230 -32.61 9.81 -19.31
CA ALA B 230 -31.65 10.91 -19.44
C ALA B 230 -32.29 12.28 -19.57
N PRO B 231 -33.30 12.43 -20.39
CA PRO B 231 -33.92 13.76 -20.52
C PRO B 231 -34.56 14.26 -19.24
N GLN B 232 -34.92 13.34 -18.35
CA GLN B 232 -35.58 13.65 -17.07
C GLN B 232 -34.60 14.02 -15.93
N HIS B 233 -33.33 13.66 -16.09
CA HIS B 233 -32.38 13.73 -14.98
C HIS B 233 -32.27 15.13 -14.43
N ALA B 234 -32.01 15.22 -13.12
CA ALA B 234 -31.84 16.52 -12.47
C ALA B 234 -30.61 17.25 -13.02
N GLN B 235 -29.70 16.51 -13.66
CA GLN B 235 -28.49 17.07 -14.28
C GLN B 235 -28.50 16.95 -15.79
N GLN B 236 -28.23 18.05 -16.47
CA GLN B 236 -28.40 18.09 -17.94
C GLN B 236 -27.16 18.53 -18.72
N SER B 237 -26.07 18.79 -18.02
CA SER B 237 -24.88 19.36 -18.66
C SER B 237 -24.31 18.51 -19.78
N ILE B 238 -24.39 17.19 -19.61
CA ILE B 238 -23.78 16.27 -20.57
C ILE B 238 -24.68 16.22 -21.81
N ARG B 239 -25.99 16.22 -21.60
CA ARG B 239 -26.91 16.29 -22.74
C ARG B 239 -26.66 17.52 -23.60
N GLU B 240 -26.55 18.66 -22.93
CA GLU B 240 -26.35 19.94 -23.59
C GLU B 240 -25.03 19.95 -24.34
N LYS B 241 -24.01 19.32 -23.77
CA LYS B 241 -22.69 19.21 -24.37
C LYS B 241 -22.74 18.42 -25.66
N TYR B 242 -23.39 17.27 -25.63
CA TYR B 242 -23.44 16.36 -26.77
C TYR B 242 -24.55 16.72 -27.73
N LYS B 243 -25.01 17.96 -27.65
CA LYS B 243 -26.02 18.49 -28.56
C LYS B 243 -25.31 19.15 -29.72
N ASN B 244 -24.04 19.50 -29.52
CA ASN B 244 -23.26 20.23 -30.52
C ASN B 244 -23.02 19.38 -31.75
N SER B 245 -22.67 20.05 -32.85
CA SER B 245 -22.42 19.34 -34.11
C SER B 245 -21.04 18.68 -34.07
N LYS B 246 -20.23 19.05 -33.10
CA LYS B 246 -18.95 18.40 -32.87
C LYS B 246 -19.21 16.93 -32.58
N TYR B 247 -20.36 16.64 -31.99
CA TYR B 247 -20.69 15.29 -31.54
C TYR B 247 -21.80 14.64 -32.36
N HIS B 248 -22.04 15.19 -33.56
CA HIS B 248 -23.04 14.66 -34.51
C HIS B 248 -24.45 14.56 -33.88
N GLY B 249 -24.70 15.48 -32.92
CA GLY B 249 -25.96 15.49 -32.16
C GLY B 249 -26.49 14.11 -31.74
N VAL B 250 -25.64 13.32 -31.08
CA VAL B 250 -26.02 11.96 -30.74
C VAL B 250 -27.12 11.96 -29.65
N SER B 251 -27.09 12.98 -28.80
CA SER B 251 -28.00 13.01 -27.64
C SER B 251 -29.42 13.39 -28.10
N LEU B 252 -29.57 13.77 -29.37
CA LEU B 252 -30.89 13.99 -29.95
C LEU B 252 -31.53 12.67 -30.48
N LEU B 253 -30.70 11.70 -30.87
CA LEU B 253 -31.15 10.39 -31.36
C LEU B 253 -32.05 9.70 -30.34
N ASN B 254 -32.88 8.80 -30.85
CA ASN B 254 -33.82 8.07 -29.98
C ASN B 254 -33.24 6.79 -29.37
N PRO B 255 -33.33 6.65 -28.04
CA PRO B 255 -32.92 5.40 -27.40
C PRO B 255 -33.88 4.29 -27.79
N PRO B 256 -33.39 3.08 -28.05
CA PRO B 256 -34.27 1.96 -28.30
C PRO B 256 -34.96 1.52 -27.01
N GLU B 257 -36.24 1.15 -27.11
CA GLU B 257 -36.97 0.83 -25.89
C GLU B 257 -36.67 -0.57 -25.44
N THR B 258 -36.21 -1.42 -26.35
CA THR B 258 -35.89 -2.80 -26.02
C THR B 258 -34.51 -3.15 -26.58
N LEU B 259 -33.86 -4.14 -25.99
CA LEU B 259 -32.47 -4.45 -26.35
C LEU B 259 -32.17 -5.84 -26.91
N ASN B 260 -33.19 -6.69 -26.93
CA ASN B 260 -33.11 -8.01 -27.57
C ASN B 260 -32.17 -8.98 -26.85
N LEU B 261 -32.22 -8.97 -25.52
CA LEU B 261 -31.37 -9.84 -24.72
C LEU B 261 -32.06 -11.13 -24.31
N MET C 1 0.62 18.30 9.56
CA MET C 1 0.04 19.07 10.74
C MET C 1 -0.46 20.48 10.50
N GLU C 2 0.06 21.06 9.42
CA GLU C 2 -0.36 22.39 8.96
C GLU C 2 -1.89 22.47 8.69
N ASN C 3 -2.52 21.36 8.34
CA ASN C 3 -3.92 21.38 7.95
C ASN C 3 -4.88 21.21 9.11
N PHE C 4 -4.33 20.99 10.31
CA PHE C 4 -5.18 20.76 11.48
C PHE C 4 -5.21 21.93 12.43
N GLN C 5 -6.38 22.23 12.98
CA GLN C 5 -6.55 23.35 13.91
C GLN C 5 -7.08 22.81 15.26
N LYS C 6 -6.28 22.96 16.31
CA LYS C 6 -6.60 22.48 17.64
C LYS C 6 -7.71 23.30 18.23
N VAL C 7 -8.82 22.65 18.55
CA VAL C 7 -9.99 23.30 19.12
C VAL C 7 -9.92 23.32 20.64
N GLU C 8 -9.85 22.14 21.25
CA GLU C 8 -9.77 22.04 22.69
C GLU C 8 -9.16 20.72 23.12
N LYS C 9 -8.61 20.67 24.32
CA LYS C 9 -8.15 19.41 24.93
C LYS C 9 -9.31 18.53 25.41
N ILE C 10 -9.31 17.25 25.04
CA ILE C 10 -10.44 16.39 25.40
C ILE C 10 -10.05 15.33 26.40
N GLY C 11 -8.75 15.11 26.55
CA GLY C 11 -8.29 14.16 27.56
C GLY C 11 -6.83 13.74 27.52
N GLU C 12 -6.51 12.70 28.29
CA GLU C 12 -5.17 12.10 28.36
C GLU C 12 -5.31 10.60 28.34
N GLY C 13 -4.48 9.95 27.52
CA GLY C 13 -4.53 8.49 27.35
C GLY C 13 -3.44 7.72 28.10
N THR C 14 -2.90 6.68 27.47
CA THR C 14 -1.82 5.91 28.09
C THR C 14 -0.41 6.29 27.57
N TYR C 15 -0.28 7.52 27.02
CA TYR C 15 1.04 8.03 26.64
C TYR C 15 1.07 9.51 26.33
N GLY C 16 -0.06 10.09 25.95
CA GLY C 16 -0.04 11.49 25.55
C GLY C 16 -1.35 12.19 25.79
N VAL C 17 -1.36 13.50 25.51
CA VAL C 17 -2.57 14.33 25.66
C VAL C 17 -3.33 14.30 24.34
N VAL C 18 -4.65 14.40 24.40
CA VAL C 18 -5.52 14.30 23.22
C VAL C 18 -6.35 15.58 23.08
N TYR C 19 -6.45 16.07 21.84
CA TYR C 19 -7.22 17.27 21.49
C TYR C 19 -8.26 16.95 20.44
N LYS C 20 -9.37 17.70 20.52
CA LYS C 20 -10.32 17.78 19.42
C LYS C 20 -9.75 18.77 18.39
N ALA C 21 -9.81 18.45 17.11
CA ALA C 21 -9.20 19.30 16.08
C ALA C 21 -10.04 19.22 14.82
N ARG C 22 -9.92 20.21 13.94
CA ARG C 22 -10.59 20.17 12.64
C ARG C 22 -9.63 20.35 11.46
N ASN C 23 -9.87 19.55 10.44
CA ASN C 23 -9.22 19.69 9.15
C ASN C 23 -9.72 20.96 8.44
N LYS C 24 -8.79 21.90 8.26
CA LYS C 24 -9.10 23.21 7.70
C LYS C 24 -9.51 23.03 6.25
N LEU C 25 -9.03 21.97 5.62
CA LEU C 25 -9.30 21.74 4.20
C LEU C 25 -10.58 20.94 3.95
N THR C 26 -10.75 19.84 4.67
CA THR C 26 -11.92 18.98 4.45
C THR C 26 -13.09 19.24 5.41
N GLY C 27 -12.77 19.71 6.60
CA GLY C 27 -13.77 20.07 7.58
C GLY C 27 -13.97 18.98 8.62
N GLU C 28 -13.43 17.81 8.35
CA GLU C 28 -13.59 16.68 9.26
C GLU C 28 -13.03 16.98 10.65
N VAL C 29 -13.82 16.70 11.67
CA VAL C 29 -13.37 16.85 13.06
C VAL C 29 -12.68 15.56 13.53
N VAL C 30 -11.51 15.72 14.12
CA VAL C 30 -10.70 14.58 14.51
C VAL C 30 -10.24 14.64 15.95
N ALA C 31 -9.58 13.57 16.36
CA ALA C 31 -8.98 13.54 17.70
C ALA C 31 -7.48 13.29 17.54
N LEU C 32 -6.67 14.30 17.90
CA LEU C 32 -5.23 14.24 17.74
C LEU C 32 -4.54 13.79 19.04
N LYS C 33 -3.98 12.60 19.03
CA LYS C 33 -3.20 12.11 20.16
CA LYS C 33 -3.20 12.12 20.17
C LYS C 33 -1.73 12.41 19.89
N LYS C 34 -1.17 13.33 20.67
CA LYS C 34 0.20 13.81 20.51
C LYS C 34 1.15 13.20 21.54
N ILE C 35 2.21 12.58 21.04
CA ILE C 35 3.27 12.06 21.92
C ILE C 35 4.53 12.85 21.66
N ARG C 36 5.09 13.42 22.70
CA ARG C 36 6.38 14.14 22.65
C ARG C 36 7.51 13.14 22.43
N LEU C 37 8.35 13.40 21.43
CA LEU C 37 9.47 12.52 21.16
C LEU C 37 10.79 13.28 21.07
N ASP C 38 11.33 13.67 22.22
CA ASP C 38 12.52 14.52 22.22
C ASP C 38 13.69 13.56 21.96
N THR C 39 14.79 13.74 22.69
CA THR C 39 16.04 13.01 22.48
C THR C 39 16.57 12.64 23.86
N GLU C 40 16.68 11.33 24.14
CA GLU C 40 17.14 10.86 25.47
C GLU C 40 16.25 9.79 26.07
N THR C 41 14.95 9.89 25.89
CA THR C 41 14.00 8.92 26.40
C THR C 41 14.30 7.56 25.76
N GLU C 42 13.30 6.68 25.82
CA GLU C 42 13.41 5.32 25.28
C GLU C 42 12.95 5.25 23.84
N GLY C 43 12.78 6.41 23.21
CA GLY C 43 12.32 6.43 21.83
C GLY C 43 10.81 6.35 21.76
N VAL C 44 10.27 5.84 20.67
CA VAL C 44 8.81 5.65 20.53
C VAL C 44 8.33 4.66 21.58
N PRO C 45 7.44 5.08 22.47
CA PRO C 45 6.98 4.23 23.57
C PRO C 45 6.26 2.99 23.08
N SER C 46 6.32 1.91 23.88
CA SER C 46 5.73 0.62 23.45
C SER C 46 4.21 0.65 23.32
N THR C 47 3.60 1.49 24.16
CA THR C 47 2.16 1.75 24.08
C THR C 47 1.79 2.31 22.70
N ALA C 48 2.65 3.13 22.12
CA ALA C 48 2.37 3.70 20.80
C ALA C 48 2.59 2.69 19.67
N ILE C 49 3.66 1.92 19.81
CA ILE C 49 4.02 0.87 18.88
C ILE C 49 2.85 -0.12 18.71
N ARG C 50 2.28 -0.55 19.83
CA ARG C 50 1.18 -1.52 19.80
C ARG C 50 -0.13 -0.95 19.29
N GLU C 51 -0.55 0.22 19.78
CA GLU C 51 -1.80 0.84 19.35
C GLU C 51 -1.79 1.10 17.86
N ILE C 52 -0.69 1.62 17.34
CA ILE C 52 -0.65 1.92 15.89
C ILE C 52 -0.70 0.63 15.08
N SER C 53 0.08 -0.37 15.43
CA SER C 53 0.22 -1.57 14.58
C SER C 53 -1.02 -2.42 14.60
N LEU C 54 -1.59 -2.57 15.79
CA LEU C 54 -2.78 -3.44 15.96
C LEU C 54 -4.02 -2.76 15.41
N LEU C 55 -4.08 -1.47 15.62
CA LEU C 55 -5.26 -0.71 15.26
C LEU C 55 -5.43 -0.53 13.76
N LYS C 56 -4.31 -0.52 13.06
CA LYS C 56 -4.34 -0.40 11.61
C LYS C 56 -4.62 -1.71 10.91
N GLU C 57 -4.71 -2.80 11.65
CA GLU C 57 -5.17 -4.09 11.14
C GLU C 57 -6.67 -4.21 11.37
N LEU C 58 -7.17 -3.49 12.38
CA LEU C 58 -8.56 -3.68 12.80
C LEU C 58 -9.49 -2.62 12.19
N ASN C 59 -10.26 -3.03 11.19
CA ASN C 59 -11.22 -2.13 10.63
C ASN C 59 -12.61 -2.69 10.86
N HIS C 60 -13.38 -2.03 11.75
CA HIS C 60 -14.70 -2.49 12.20
C HIS C 60 -15.44 -1.32 12.84
N PRO C 61 -16.75 -1.21 12.60
CA PRO C 61 -17.59 -0.11 13.09
C PRO C 61 -17.52 0.13 14.59
N ASN C 62 -17.26 -0.93 15.33
CA ASN C 62 -17.22 -0.85 16.79
C ASN C 62 -15.81 -0.75 17.37
N ILE C 63 -14.84 -0.42 16.52
CA ILE C 63 -13.45 -0.16 16.91
C ILE C 63 -13.00 1.21 16.32
N VAL C 64 -12.46 2.09 17.19
CA VAL C 64 -12.06 3.45 16.78
C VAL C 64 -11.22 3.37 15.51
N LYS C 65 -11.40 4.31 14.59
CA LYS C 65 -10.80 4.31 13.28
C LYS C 65 -9.60 5.22 13.34
N LEU C 66 -8.40 4.62 13.30
CA LEU C 66 -7.12 5.34 13.17
C LEU C 66 -6.98 5.81 11.75
N LEU C 67 -7.08 7.13 11.53
CA LEU C 67 -7.20 7.66 10.18
C LEU C 67 -5.84 7.90 9.56
N ASP C 68 -4.87 8.40 10.32
CA ASP C 68 -3.53 8.69 9.78
C ASP C 68 -2.50 8.80 10.89
N VAL C 69 -1.25 8.51 10.58
CA VAL C 69 -0.14 8.66 11.52
C VAL C 69 0.86 9.67 10.97
N ILE C 70 0.94 10.83 11.60
CA ILE C 70 1.85 11.87 11.15
C ILE C 70 3.15 11.82 11.93
N HIS C 71 4.23 11.73 11.16
CA HIS C 71 5.54 11.27 11.60
C HIS C 71 6.55 12.40 11.44
N THR C 72 7.09 12.90 12.53
CA THR C 72 8.04 14.02 12.44
C THR C 72 9.28 13.72 13.28
N GLU C 73 10.29 14.58 13.16
CA GLU C 73 11.51 14.52 13.95
C GLU C 73 11.28 14.40 15.46
N ASN C 74 10.55 15.35 16.02
CA ASN C 74 10.44 15.44 17.49
C ASN C 74 9.03 15.24 18.09
N LYS C 75 8.04 15.00 17.22
CA LYS C 75 6.73 14.59 17.70
C LYS C 75 6.04 13.66 16.71
N LEU C 76 5.17 12.82 17.29
CA LEU C 76 4.41 11.78 16.58
C LEU C 76 2.92 11.95 16.88
N TYR C 77 2.11 12.14 15.85
CA TYR C 77 0.68 12.40 16.07
C TYR C 77 -0.12 11.23 15.50
N LEU C 78 -1.09 10.79 16.29
CA LEU C 78 -2.05 9.81 15.81
C LEU C 78 -3.38 10.49 15.60
N VAL C 79 -3.89 10.46 14.38
CA VAL C 79 -5.16 11.08 14.04
C VAL C 79 -6.26 10.06 14.05
N PHE C 80 -7.14 10.18 15.03
CA PHE C 80 -8.32 9.31 15.13
C PHE C 80 -9.58 10.05 14.69
N GLU C 81 -10.62 9.26 14.40
CA GLU C 81 -11.96 9.81 14.13
C GLU C 81 -12.47 10.37 15.46
N PHE C 82 -13.19 11.48 15.41
CA PHE C 82 -13.70 12.06 16.65
C PHE C 82 -15.02 11.44 17.10
N LEU C 83 -15.07 11.00 18.35
CA LEU C 83 -16.34 10.64 18.97
C LEU C 83 -16.73 11.62 20.08
N HIS C 84 -18.03 11.67 20.37
CA HIS C 84 -18.63 12.74 21.20
C HIS C 84 -18.14 12.78 22.65
N GLN C 85 -18.14 11.62 23.29
CA GLN C 85 -17.60 11.43 24.64
C GLN C 85 -17.41 9.98 25.01
N ASP C 86 -16.91 9.74 26.22
CA ASP C 86 -16.68 8.39 26.70
C ASP C 86 -17.85 7.88 27.50
N LEU C 87 -17.83 6.60 27.85
CA LEU C 87 -18.92 6.02 28.62
C LEU C 87 -18.97 6.54 30.07
N LYS C 88 -17.81 6.57 30.72
CA LYS C 88 -17.74 6.98 32.12
C LYS C 88 -18.49 8.31 32.35
N LYS C 89 -18.31 9.26 31.43
CA LYS C 89 -18.92 10.60 31.56
C LYS C 89 -20.41 10.48 31.36
N PHE C 90 -20.77 9.69 30.36
CA PHE C 90 -22.19 9.49 30.05
C PHE C 90 -22.87 8.78 31.21
N MET C 91 -22.17 7.92 31.93
CA MET C 91 -22.71 7.20 33.08
C MET C 91 -22.98 8.11 34.26
N ASP C 92 -21.97 8.93 34.56
CA ASP C 92 -22.05 9.94 35.63
C ASP C 92 -23.14 10.96 35.34
N ALA C 93 -23.29 11.33 34.09
CA ALA C 93 -24.31 12.28 33.66
C ALA C 93 -25.67 11.61 33.66
N SER C 94 -25.71 10.30 33.48
CA SER C 94 -26.97 9.58 33.43
C SER C 94 -27.21 8.88 34.75
N ALA C 95 -26.36 9.15 35.75
CA ALA C 95 -26.53 8.61 37.11
C ALA C 95 -27.86 9.09 37.69
N LEU C 96 -28.34 8.36 38.70
CA LEU C 96 -29.65 8.64 39.31
C LEU C 96 -30.86 8.41 38.38
N THR C 97 -30.81 8.99 37.19
CA THR C 97 -31.83 8.75 36.18
C THR C 97 -31.74 7.34 35.59
N GLY C 98 -30.53 6.87 35.33
CA GLY C 98 -30.29 5.55 34.78
C GLY C 98 -30.19 5.61 33.28
N ILE C 99 -29.26 4.85 32.71
CA ILE C 99 -29.22 4.60 31.24
C ILE C 99 -30.31 3.60 30.88
N PRO C 100 -31.18 3.96 29.96
CA PRO C 100 -32.23 3.07 29.49
C PRO C 100 -31.73 1.67 29.11
N LEU C 101 -32.51 0.66 29.48
CA LEU C 101 -32.17 -0.72 29.20
C LEU C 101 -31.89 -0.97 27.72
N PRO C 102 -32.77 -0.47 26.85
CA PRO C 102 -32.52 -0.74 25.43
C PRO C 102 -31.20 -0.20 24.96
N LEU C 103 -30.73 0.90 25.53
CA LEU C 103 -29.41 1.45 25.18
C LEU C 103 -28.24 0.65 25.80
N ILE C 104 -28.45 0.10 26.98
CA ILE C 104 -27.52 -0.85 27.57
C ILE C 104 -27.31 -2.08 26.67
N LYS C 105 -28.43 -2.65 26.23
CA LYS C 105 -28.37 -3.88 25.47
C LYS C 105 -27.76 -3.61 24.09
N SER C 106 -28.08 -2.46 23.48
CA SER C 106 -27.45 -2.05 22.23
C SER C 106 -25.94 -1.88 22.38
N TYR C 107 -25.54 -1.25 23.46
CA TYR C 107 -24.13 -0.98 23.71
C TYR C 107 -23.32 -2.24 23.91
N LEU C 108 -23.86 -3.19 24.67
CA LEU C 108 -23.15 -4.44 24.94
C LEU C 108 -23.05 -5.31 23.69
N PHE C 109 -24.11 -5.35 22.91
CA PHE C 109 -24.11 -6.02 21.62
C PHE C 109 -23.01 -5.47 20.71
N GLN C 110 -22.92 -4.15 20.60
CA GLN C 110 -21.89 -3.54 19.77
C GLN C 110 -20.48 -3.81 20.36
N LEU C 111 -20.33 -3.63 21.66
CA LEU C 111 -19.03 -3.96 22.31
C LEU C 111 -18.61 -5.42 22.05
N LEU C 112 -19.58 -6.34 21.97
CA LEU C 112 -19.27 -7.76 21.81
C LEU C 112 -18.88 -8.05 20.37
N GLN C 113 -19.50 -7.31 19.47
CA GLN C 113 -19.11 -7.44 18.08
C GLN C 113 -17.70 -6.92 17.85
N GLY C 114 -17.31 -5.85 18.50
CA GLY C 114 -15.95 -5.35 18.37
C GLY C 114 -14.97 -6.31 19.02
N LEU C 115 -15.37 -6.93 20.10
CA LEU C 115 -14.47 -7.79 20.84
C LEU C 115 -14.28 -9.10 20.07
N ALA C 116 -15.35 -9.58 19.45
CA ALA C 116 -15.30 -10.79 18.60
C ALA C 116 -14.38 -10.58 17.39
N PHE C 117 -14.38 -9.35 16.88
CA PHE C 117 -13.51 -9.02 15.78
C PHE C 117 -12.04 -9.01 16.22
N CYS C 118 -11.77 -8.44 17.39
CA CYS C 118 -10.41 -8.38 17.89
C CYS C 118 -9.87 -9.79 18.11
N HIS C 119 -10.67 -10.61 18.79
CA HIS C 119 -10.19 -11.93 19.19
C HIS C 119 -9.96 -12.89 18.01
N SER C 120 -10.74 -12.72 16.97
CA SER C 120 -10.59 -13.53 15.77
C SER C 120 -9.40 -13.02 14.96
N HIS C 121 -8.92 -11.81 15.23
CA HIS C 121 -7.70 -11.30 14.62
C HIS C 121 -6.57 -11.24 15.66
N ARG C 122 -6.60 -12.25 16.54
CA ARG C 122 -5.61 -12.47 17.59
C ARG C 122 -5.15 -11.23 18.31
N VAL C 123 -6.08 -10.35 18.66
CA VAL C 123 -5.76 -9.13 19.46
C VAL C 123 -6.47 -9.12 20.80
N LEU C 124 -5.74 -9.13 21.91
CA LEU C 124 -6.30 -8.91 23.26
C LEU C 124 -6.26 -7.42 23.58
N HIS C 125 -7.34 -6.90 24.13
CA HIS C 125 -7.39 -5.50 24.52
C HIS C 125 -6.76 -5.29 25.90
N ARG C 126 -7.18 -6.14 26.84
CA ARG C 126 -6.62 -6.16 28.19
C ARG C 126 -6.99 -4.97 29.11
N ASP C 127 -7.58 -3.91 28.57
CA ASP C 127 -7.86 -2.72 29.35
C ASP C 127 -9.24 -2.15 29.10
N LEU C 128 -10.23 -3.03 29.08
CA LEU C 128 -11.61 -2.59 28.82
C LEU C 128 -12.16 -1.90 30.07
N LYS C 129 -12.60 -0.66 29.94
CA LYS C 129 -13.16 0.10 31.06
C LYS C 129 -13.91 1.25 30.44
N PRO C 130 -14.89 1.76 31.19
CA PRO C 130 -15.81 2.79 30.71
C PRO C 130 -15.11 4.03 30.12
N GLN C 131 -13.98 4.41 30.69
CA GLN C 131 -13.20 5.53 30.17
C GLN C 131 -12.60 5.22 28.80
N ASN C 132 -12.49 3.96 28.42
CA ASN C 132 -11.89 3.58 27.14
C ASN C 132 -12.95 3.25 26.08
N LEU C 133 -14.22 3.41 26.44
CA LEU C 133 -15.28 3.04 25.49
C LEU C 133 -15.93 4.35 25.06
N LEU C 134 -16.02 4.59 23.76
CA LEU C 134 -16.46 5.89 23.24
C LEU C 134 -17.80 5.86 22.53
N ILE C 135 -18.61 6.86 22.76
CA ILE C 135 -19.93 6.88 22.14
C ILE C 135 -20.17 8.12 21.30
N ASN C 136 -21.07 8.02 20.33
CA ASN C 136 -21.48 9.19 19.56
C ASN C 136 -22.99 9.44 19.63
N THR C 137 -23.44 10.49 18.95
CA THR C 137 -24.84 10.91 19.02
C THR C 137 -25.75 9.98 18.22
N GLU C 138 -25.20 9.11 17.37
CA GLU C 138 -26.03 8.23 16.53
C GLU C 138 -26.38 6.90 17.20
N GLY C 139 -25.72 6.61 18.32
CA GLY C 139 -26.03 5.40 19.09
C GLY C 139 -24.95 4.34 19.03
N ALA C 140 -23.85 4.68 18.33
CA ALA C 140 -22.69 3.81 18.27
C ALA C 140 -21.83 3.86 19.54
N ILE C 141 -21.22 2.72 19.86
CA ILE C 141 -20.19 2.66 20.89
C ILE C 141 -19.00 1.89 20.32
N LYS C 142 -17.80 2.36 20.60
CA LYS C 142 -16.56 1.86 20.01
C LYS C 142 -15.46 1.56 21.03
N LEU C 143 -14.74 0.45 20.82
CA LEU C 143 -13.55 0.10 21.62
C LEU C 143 -12.43 1.10 21.33
N ALA C 144 -11.75 1.56 22.36
CA ALA C 144 -10.66 2.51 22.15
C ALA C 144 -9.47 2.26 23.05
N ASP C 145 -8.42 3.02 22.85
CA ASP C 145 -7.18 2.93 23.64
C ASP C 145 -6.56 1.54 23.64
N PHE C 146 -5.84 1.22 22.57
CA PHE C 146 -5.23 -0.09 22.43
C PHE C 146 -3.75 -0.09 22.83
N GLY C 147 -3.37 0.82 23.72
CA GLY C 147 -1.98 0.94 24.15
C GLY C 147 -1.42 -0.28 24.85
N LEU C 148 -2.26 -0.93 25.68
CA LEU C 148 -1.89 -2.15 26.40
C LEU C 148 -2.36 -3.42 25.68
N ALA C 149 -2.83 -3.24 24.45
CA ALA C 149 -3.27 -4.37 23.64
C ALA C 149 -2.08 -5.23 23.14
N ARG C 150 -2.30 -6.54 23.13
CA ARG C 150 -1.27 -7.49 22.74
C ARG C 150 -1.78 -8.41 21.67
N ALA C 151 -0.90 -8.83 20.78
CA ALA C 151 -1.18 -9.86 19.80
C ALA C 151 -0.91 -11.23 20.44
N PHE C 152 -1.88 -12.14 20.42
CA PHE C 152 -1.72 -13.47 21.04
C PHE C 152 -1.57 -14.67 20.07
N GLY C 153 -0.82 -14.44 19.01
CA GLY C 153 -0.37 -15.52 18.17
C GLY C 153 0.45 -16.48 19.00
N VAL C 154 1.17 -15.96 19.97
CA VAL C 154 1.85 -16.76 20.99
C VAL C 154 1.26 -16.28 22.32
N PRO C 155 0.96 -17.20 23.26
CA PRO C 155 0.27 -16.82 24.47
C PRO C 155 0.92 -15.66 25.17
N VAL C 156 0.10 -14.68 25.55
CA VAL C 156 0.56 -13.47 26.23
C VAL C 156 0.80 -13.70 27.73
N ARG C 157 2.02 -13.45 28.18
CA ARG C 157 2.43 -13.68 29.56
C ARG C 157 1.98 -12.57 30.51
N THR C 158 1.71 -13.00 31.74
CA THR C 158 1.19 -12.15 32.79
C THR C 158 2.25 -11.25 33.39
N TYR C 159 1.82 -10.03 33.70
CA TYR C 159 2.71 -8.90 34.09
C TYR C 159 3.33 -9.03 35.50
N THR C 160 2.52 -9.08 36.53
CA THR C 160 2.93 -9.09 37.93
C THR C 160 3.06 -7.69 38.55
N HIS C 161 3.95 -6.85 38.05
CA HIS C 161 3.97 -5.45 38.46
C HIS C 161 2.83 -4.79 37.69
N GLU C 162 1.92 -5.63 37.19
CA GLU C 162 0.75 -5.19 36.44
C GLU C 162 0.98 -3.83 35.77
N VAL C 163 -0.12 -3.15 35.42
CA VAL C 163 -0.18 -1.73 35.07
C VAL C 163 -1.61 -1.59 34.56
N VAL C 164 -2.48 -2.51 34.94
CA VAL C 164 -3.82 -2.62 34.40
C VAL C 164 -4.80 -2.00 35.38
N THR C 165 -6.09 -2.24 35.22
CA THR C 165 -7.14 -1.50 35.91
C THR C 165 -7.41 -1.88 37.36
N LEU C 166 -7.55 -3.17 37.63
CA LEU C 166 -8.15 -3.65 38.90
C LEU C 166 -9.63 -3.59 38.58
N TRP C 167 -10.53 -3.41 39.52
CA TRP C 167 -11.94 -3.23 39.21
C TRP C 167 -12.50 -4.11 38.12
N TYR C 168 -11.95 -3.96 36.90
CA TYR C 168 -12.28 -4.82 35.75
C TYR C 168 -11.29 -5.93 35.47
N ARG C 169 -10.52 -6.35 36.47
CA ARG C 169 -9.57 -7.45 36.35
C ARG C 169 -10.17 -8.81 36.65
N ALA C 170 -9.82 -9.78 35.82
CA ALA C 170 -10.31 -11.15 35.94
C ALA C 170 -9.69 -11.90 37.13
N PRO C 171 -10.46 -12.78 37.75
CA PRO C 171 -9.98 -13.47 38.95
C PRO C 171 -8.76 -14.37 38.73
N GLU C 172 -8.68 -15.04 37.59
CA GLU C 172 -7.54 -15.91 37.28
C GLU C 172 -6.22 -15.14 37.24
N ILE C 173 -6.28 -13.88 36.81
CA ILE C 173 -5.11 -12.98 36.80
C ILE C 173 -4.77 -12.60 38.23
N LEU C 174 -5.76 -12.35 39.08
CA LEU C 174 -5.53 -12.05 40.50
C LEU C 174 -4.95 -13.24 41.29
N LEU C 175 -5.30 -14.45 40.87
CA LEU C 175 -4.83 -15.66 41.53
C LEU C 175 -3.48 -16.16 40.99
N GLY C 176 -2.88 -15.40 40.10
CA GLY C 176 -1.50 -15.65 39.70
C GLY C 176 -1.25 -16.58 38.53
N CYS C 177 -2.14 -16.68 37.56
CA CYS C 177 -1.83 -17.51 36.41
C CYS C 177 -0.82 -16.88 35.47
N LYS C 178 -0.21 -17.73 34.66
CA LYS C 178 0.97 -17.37 33.88
C LYS C 178 0.61 -16.61 32.62
N TYR C 179 -0.56 -16.90 32.08
CA TYR C 179 -1.01 -16.36 30.81
C TYR C 179 -2.35 -15.61 30.84
N TYR C 180 -2.48 -14.55 30.04
CA TYR C 180 -3.77 -13.96 29.74
C TYR C 180 -4.56 -14.86 28.76
N SER C 181 -5.83 -14.58 28.56
CA SER C 181 -6.63 -15.25 27.54
C SER C 181 -7.74 -14.33 27.07
N THR C 182 -8.51 -14.74 26.08
CA THR C 182 -9.57 -13.84 25.61
C THR C 182 -10.69 -13.70 26.66
N ALA C 183 -10.62 -14.52 27.70
CA ALA C 183 -11.64 -14.56 28.75
C ALA C 183 -11.56 -13.34 29.68
N VAL C 184 -10.37 -12.73 29.75
CA VAL C 184 -10.18 -11.57 30.63
C VAL C 184 -10.91 -10.35 30.10
N ASP C 185 -11.04 -10.24 28.78
CA ASP C 185 -11.78 -9.15 28.14
C ASP C 185 -13.29 -9.30 28.34
N ILE C 186 -13.76 -10.54 28.28
CA ILE C 186 -15.17 -10.84 28.55
C ILE C 186 -15.53 -10.61 30.01
N TRP C 187 -14.61 -10.89 30.93
CA TRP C 187 -14.81 -10.54 32.33
C TRP C 187 -14.97 -9.03 32.51
N SER C 188 -14.16 -8.25 31.80
CA SER C 188 -14.25 -6.79 31.91
C SER C 188 -15.57 -6.28 31.39
N LEU C 189 -16.01 -6.88 30.31
CA LEU C 189 -17.23 -6.39 29.66
C LEU C 189 -18.43 -6.80 30.49
N GLY C 190 -18.29 -7.91 31.22
CA GLY C 190 -19.37 -8.28 32.18
C GLY C 190 -19.55 -7.26 33.30
N CYS C 191 -18.43 -6.76 33.82
CA CYS C 191 -18.42 -5.78 34.91
C CYS C 191 -19.01 -4.46 34.46
N ILE C 192 -18.72 -4.11 33.22
CA ILE C 192 -19.22 -2.85 32.66
C ILE C 192 -20.73 -2.97 32.43
N PHE C 193 -21.12 -4.14 31.97
CA PHE C 193 -22.54 -4.42 31.77
C PHE C 193 -23.31 -4.26 33.06
N ALA C 194 -22.82 -4.88 34.14
CA ALA C 194 -23.43 -4.74 35.47
C ALA C 194 -23.42 -3.29 35.97
N GLU C 195 -22.32 -2.58 35.69
CA GLU C 195 -22.15 -1.20 36.12
C GLU C 195 -23.16 -0.25 35.47
N MET C 196 -23.47 -0.46 34.18
CA MET C 196 -24.45 0.40 33.50
C MET C 196 -25.85 0.22 34.09
N VAL C 197 -26.11 -1.01 34.52
CA VAL C 197 -27.43 -1.38 35.05
C VAL C 197 -27.58 -0.88 36.49
N THR C 198 -26.62 -1.17 37.35
CA THR C 198 -26.70 -0.74 38.75
C THR C 198 -26.25 0.70 38.97
N ARG C 199 -25.78 1.36 37.92
CA ARG C 199 -25.27 2.72 38.00
C ARG C 199 -24.05 2.86 38.90
N ARG C 200 -23.43 1.73 39.29
CA ARG C 200 -22.21 1.78 40.06
C ARG C 200 -21.27 0.60 39.79
N ALA C 201 -19.98 0.78 40.08
CA ALA C 201 -18.97 -0.23 39.83
C ALA C 201 -19.23 -1.49 40.64
N LEU C 202 -19.09 -2.67 40.02
CA LEU C 202 -19.49 -3.93 40.61
C LEU C 202 -18.49 -4.40 41.68
N PHE C 203 -17.19 -4.31 41.36
CA PHE C 203 -16.12 -4.76 42.22
C PHE C 203 -15.05 -3.67 42.39
N PRO C 204 -15.35 -2.61 43.13
CA PRO C 204 -14.38 -1.52 43.31
C PRO C 204 -13.33 -1.80 44.38
N GLY C 205 -12.30 -2.56 44.03
CA GLY C 205 -11.27 -2.92 44.98
C GLY C 205 -10.12 -1.90 45.05
N ASP C 206 -9.42 -1.92 46.18
CA ASP C 206 -8.35 -0.93 46.47
C ASP C 206 -6.97 -1.56 46.32
N SER C 207 -6.93 -2.89 46.29
CA SER C 207 -5.70 -3.64 46.08
C SER C 207 -6.07 -4.97 45.40
N GLU C 208 -5.12 -5.89 45.34
CA GLU C 208 -5.36 -7.19 44.69
C GLU C 208 -6.14 -8.09 45.59
N ILE C 209 -5.81 -8.11 46.87
CA ILE C 209 -6.51 -8.98 47.81
C ILE C 209 -7.91 -8.43 48.10
N ASP C 210 -8.01 -7.10 48.08
CA ASP C 210 -9.27 -6.40 48.27
C ASP C 210 -10.21 -6.64 47.10
N GLN C 211 -9.62 -6.78 45.92
CA GLN C 211 -10.38 -7.00 44.67
C GLN C 211 -10.92 -8.44 44.59
N LEU C 212 -10.09 -9.38 45.01
CA LEU C 212 -10.50 -10.78 45.04
C LEU C 212 -11.65 -10.91 46.01
N PHE C 213 -11.58 -10.24 47.16
CA PHE C 213 -12.59 -10.45 48.22
C PHE C 213 -13.92 -9.84 47.83
N ARG C 214 -13.88 -8.83 46.97
CA ARG C 214 -15.08 -8.22 46.39
C ARG C 214 -15.77 -9.11 45.36
N ILE C 215 -14.98 -9.80 44.56
CA ILE C 215 -15.51 -10.81 43.64
C ILE C 215 -16.10 -11.97 44.46
N PHE C 216 -15.31 -12.45 45.41
CA PHE C 216 -15.64 -13.60 46.24
C PHE C 216 -16.98 -13.44 46.96
N ARG C 217 -17.22 -12.23 47.45
CA ARG C 217 -18.39 -11.98 48.29
C ARG C 217 -19.66 -11.81 47.48
N THR C 218 -19.51 -11.73 46.16
CA THR C 218 -20.65 -11.63 45.24
C THR C 218 -20.90 -12.93 44.48
N LEU C 219 -19.86 -13.63 44.07
CA LEU C 219 -20.03 -14.87 43.33
C LEU C 219 -19.72 -16.12 44.14
N GLY C 220 -19.40 -15.92 45.41
CA GLY C 220 -18.98 -17.02 46.29
C GLY C 220 -17.49 -17.30 46.14
N THR C 221 -16.91 -17.97 47.11
CA THR C 221 -15.51 -18.40 47.06
C THR C 221 -15.46 -19.64 46.17
N PRO C 222 -14.67 -19.55 45.09
CA PRO C 222 -14.51 -20.68 44.18
C PRO C 222 -13.85 -21.90 44.82
N ASP C 223 -14.32 -23.07 44.41
CA ASP C 223 -13.72 -24.34 44.81
C ASP C 223 -13.39 -25.19 43.56
N GLU C 224 -12.89 -26.41 43.79
CA GLU C 224 -12.46 -27.31 42.72
C GLU C 224 -13.59 -27.72 41.80
N VAL C 225 -14.82 -27.70 42.32
CA VAL C 225 -16.01 -28.09 41.56
C VAL C 225 -16.43 -27.05 40.51
N VAL C 226 -16.47 -25.77 40.86
CA VAL C 226 -16.77 -24.72 39.89
C VAL C 226 -15.56 -24.36 39.04
N TRP C 227 -14.36 -24.65 39.50
CA TRP C 227 -13.15 -24.18 38.84
C TRP C 227 -11.98 -25.08 39.24
N PRO C 228 -11.86 -26.26 38.59
CA PRO C 228 -10.78 -27.21 38.89
C PRO C 228 -9.42 -26.59 38.63
N GLY C 229 -8.55 -26.72 39.64
CA GLY C 229 -7.20 -26.18 39.59
C GLY C 229 -7.03 -24.95 40.45
N VAL C 230 -8.14 -24.37 40.88
CA VAL C 230 -8.13 -23.11 41.60
C VAL C 230 -7.43 -23.14 42.97
N THR C 231 -7.39 -24.30 43.60
CA THR C 231 -6.66 -24.43 44.88
C THR C 231 -5.17 -24.70 44.71
N SER C 232 -4.71 -24.94 43.47
CA SER C 232 -3.29 -25.13 43.16
C SER C 232 -2.68 -23.94 42.39
N MET C 233 -3.33 -22.77 42.45
CA MET C 233 -2.82 -21.55 41.86
C MET C 233 -1.94 -20.78 42.82
N PRO C 234 -0.89 -20.12 42.33
CA PRO C 234 0.10 -19.43 43.15
C PRO C 234 -0.47 -18.52 44.25
N ASP C 235 -1.42 -17.67 43.91
CA ASP C 235 -1.86 -16.64 44.84
C ASP C 235 -3.14 -17.04 45.56
N TYR C 236 -3.47 -18.32 45.48
CA TYR C 236 -4.58 -18.86 46.24
C TYR C 236 -4.16 -19.32 47.62
N LYS C 237 -5.00 -19.11 48.61
CA LYS C 237 -4.71 -19.48 50.00
C LYS C 237 -5.88 -20.23 50.61
N PRO C 238 -5.63 -21.40 51.24
CA PRO C 238 -6.70 -22.18 51.87
C PRO C 238 -7.32 -21.48 53.07
N SER C 239 -6.71 -20.40 53.53
CA SER C 239 -7.25 -19.58 54.61
C SER C 239 -8.33 -18.59 54.14
N PHE C 240 -8.48 -18.41 52.83
CA PHE C 240 -9.56 -17.61 52.25
C PHE C 240 -10.92 -18.00 52.84
N PRO C 241 -11.74 -17.01 53.12
CA PRO C 241 -13.05 -17.29 53.68
C PRO C 241 -13.94 -18.07 52.70
N LYS C 242 -14.83 -18.89 53.25
CA LYS C 242 -15.76 -19.66 52.43
C LYS C 242 -17.12 -18.99 52.33
N TRP C 243 -17.26 -18.09 51.37
CA TRP C 243 -18.50 -17.37 51.17
C TRP C 243 -19.35 -18.08 50.14
N ALA C 244 -20.63 -17.80 50.13
CA ALA C 244 -21.55 -18.48 49.24
C ALA C 244 -22.00 -17.52 48.13
N ARG C 245 -22.33 -18.08 46.99
CA ARG C 245 -22.84 -17.31 45.86
CA ARG C 245 -22.83 -17.29 45.86
C ARG C 245 -24.18 -16.67 46.17
N GLN C 246 -24.27 -15.36 45.99
CA GLN C 246 -25.54 -14.68 46.18
C GLN C 246 -26.42 -14.86 44.96
N ASP C 247 -27.73 -14.75 45.17
CA ASP C 247 -28.69 -14.81 44.07
C ASP C 247 -28.46 -13.59 43.18
N PHE C 248 -28.30 -13.87 41.89
CA PHE C 248 -28.08 -12.82 40.89
C PHE C 248 -29.15 -11.74 40.87
N SER C 249 -30.34 -12.05 41.34
CA SER C 249 -31.44 -11.10 41.31
C SER C 249 -31.21 -9.95 42.30
N LYS C 250 -30.33 -10.15 43.28
CA LYS C 250 -30.12 -9.09 44.26
C LYS C 250 -28.87 -8.26 43.94
N VAL C 251 -28.09 -8.76 42.99
CA VAL C 251 -26.89 -8.05 42.48
C VAL C 251 -27.19 -7.09 41.34
N VAL C 252 -27.94 -7.56 40.35
CA VAL C 252 -28.46 -6.70 39.28
C VAL C 252 -29.99 -6.78 39.21
N PRO C 253 -30.69 -6.11 40.15
CA PRO C 253 -32.14 -6.07 40.21
C PRO C 253 -32.85 -5.76 38.91
N PRO C 254 -32.56 -4.61 38.29
CA PRO C 254 -33.36 -4.19 37.12
C PRO C 254 -33.23 -5.02 35.87
N LEU C 255 -32.54 -6.17 35.94
CA LEU C 255 -32.27 -7.01 34.76
C LEU C 255 -33.23 -8.18 34.62
N ASP C 256 -33.68 -8.46 33.41
CA ASP C 256 -34.55 -9.58 33.14
C ASP C 256 -33.79 -10.90 33.19
N GLU C 257 -34.50 -12.01 32.97
CA GLU C 257 -33.90 -13.33 33.10
C GLU C 257 -32.85 -13.62 32.04
N ASP C 258 -33.12 -13.24 30.80
CA ASP C 258 -32.12 -13.41 29.74
C ASP C 258 -30.84 -12.64 30.02
N GLY C 259 -30.97 -11.45 30.60
CA GLY C 259 -29.84 -10.60 30.92
C GLY C 259 -28.97 -11.19 31.99
N ARG C 260 -29.59 -11.68 33.06
CA ARG C 260 -28.89 -12.30 34.18
C ARG C 260 -28.25 -13.61 33.75
N SER C 261 -28.88 -14.33 32.84
CA SER C 261 -28.24 -15.52 32.33
C SER C 261 -26.93 -15.22 31.60
N LEU C 262 -26.95 -14.16 30.79
CA LEU C 262 -25.76 -13.73 30.06
C LEU C 262 -24.67 -13.25 31.02
N LEU C 263 -25.03 -12.37 31.94
CA LEU C 263 -24.05 -11.77 32.84
C LEU C 263 -23.35 -12.82 33.65
N SER C 264 -24.10 -13.84 34.03
CA SER C 264 -23.55 -14.94 34.82
C SER C 264 -22.57 -15.83 34.01
N GLN C 265 -22.82 -15.93 32.70
CA GLN C 265 -21.90 -16.66 31.81
C GLN C 265 -20.67 -15.84 31.45
N MET C 266 -20.76 -14.52 31.54
CA MET C 266 -19.56 -13.68 31.41
C MET C 266 -18.71 -13.57 32.66
N LEU C 267 -19.30 -13.81 33.84
CA LEU C 267 -18.59 -13.73 35.10
C LEU C 267 -18.32 -15.11 35.69
N HIS C 268 -18.35 -16.13 34.85
CA HIS C 268 -17.95 -17.49 35.23
C HIS C 268 -16.49 -17.53 35.69
N TYR C 269 -16.22 -18.24 36.79
CA TYR C 269 -14.89 -18.28 37.40
C TYR C 269 -13.87 -18.93 36.47
N ASP C 270 -14.18 -20.10 35.96
CA ASP C 270 -13.26 -20.87 35.10
C ASP C 270 -13.20 -20.23 33.70
N PRO C 271 -12.01 -19.74 33.31
CA PRO C 271 -11.79 -19.11 32.00
C PRO C 271 -12.17 -20.00 30.83
N ASN C 272 -12.16 -21.31 31.00
CA ASN C 272 -12.58 -22.23 29.94
C ASN C 272 -14.09 -22.29 29.75
N LYS C 273 -14.83 -22.14 30.85
CA LYS C 273 -16.28 -22.20 30.81
C LYS C 273 -16.90 -20.83 30.52
N ARG C 274 -16.07 -19.79 30.64
CA ARG C 274 -16.53 -18.41 30.43
C ARG C 274 -16.91 -18.21 28.96
N ILE C 275 -18.03 -17.54 28.74
CA ILE C 275 -18.61 -17.45 27.43
C ILE C 275 -17.70 -16.58 26.51
N SER C 276 -17.57 -17.04 25.26
CA SER C 276 -16.81 -16.26 24.25
C SER C 276 -17.67 -15.13 23.71
N ALA C 277 -17.02 -14.17 23.05
CA ALA C 277 -17.72 -13.03 22.46
C ALA C 277 -18.69 -13.53 21.38
N LYS C 278 -18.21 -14.44 20.51
CA LYS C 278 -19.01 -15.05 19.46
C LYS C 278 -20.26 -15.69 20.01
N ALA C 279 -20.09 -16.52 21.05
CA ALA C 279 -21.22 -17.19 21.70
C ALA C 279 -22.21 -16.24 22.36
N ALA C 280 -21.72 -15.15 22.94
CA ALA C 280 -22.57 -14.16 23.61
C ALA C 280 -23.50 -13.46 22.64
N LEU C 281 -23.03 -13.26 21.41
CA LEU C 281 -23.82 -12.62 20.34
C LEU C 281 -25.01 -13.48 19.93
N ALA C 282 -24.90 -14.79 20.12
CA ALA C 282 -26.01 -15.69 19.83
C ALA C 282 -26.99 -15.86 21.00
N HIS C 283 -26.77 -15.14 22.10
CA HIS C 283 -27.57 -15.29 23.32
C HIS C 283 -28.93 -14.62 23.16
N PRO C 284 -30.00 -15.28 23.62
CA PRO C 284 -31.40 -14.81 23.56
C PRO C 284 -31.63 -13.39 24.07
N PHE C 285 -30.76 -12.89 24.94
CA PHE C 285 -30.82 -11.50 25.39
C PHE C 285 -30.82 -10.50 24.23
N PHE C 286 -30.10 -10.83 23.17
CA PHE C 286 -29.92 -9.90 22.06
C PHE C 286 -30.89 -10.19 20.93
N GLN C 287 -31.96 -10.88 21.24
CA GLN C 287 -32.95 -11.24 20.22
C GLN C 287 -33.78 -10.03 19.76
N ASP C 288 -34.00 -9.08 20.67
CA ASP C 288 -34.76 -7.89 20.38
C ASP C 288 -33.88 -6.64 20.44
N VAL C 289 -32.62 -6.75 20.05
CA VAL C 289 -31.70 -5.59 20.10
C VAL C 289 -32.10 -4.53 19.06
N THR C 290 -32.25 -3.30 19.54
CA THR C 290 -32.57 -2.17 18.70
C THR C 290 -31.43 -1.13 18.73
N LYS C 291 -31.60 -0.03 17.99
CA LYS C 291 -30.56 0.98 17.96
C LYS C 291 -31.03 2.36 18.41
N PRO C 292 -31.25 2.52 19.72
CA PRO C 292 -31.67 3.79 20.26
C PRO C 292 -30.50 4.75 20.39
N VAL C 293 -30.78 6.05 20.50
CA VAL C 293 -29.78 7.11 20.57
C VAL C 293 -29.75 7.70 21.99
N PRO C 294 -28.56 8.04 22.46
CA PRO C 294 -28.48 8.59 23.79
C PRO C 294 -28.93 10.05 23.90
N HIS C 295 -29.40 10.43 25.08
CA HIS C 295 -29.70 11.83 25.40
C HIS C 295 -28.35 12.47 25.79
N LEU C 296 -27.67 13.09 24.83
CA LEU C 296 -26.25 13.44 24.97
C LEU C 296 -26.00 14.95 25.15
N ARG C 297 -25.07 15.30 26.04
N VAL D 4 -9.49 -24.92 25.25
CA VAL D 4 -10.92 -24.51 24.70
C VAL D 4 -10.74 -23.43 23.62
N PRO D 5 -11.04 -23.84 22.35
CA PRO D 5 -10.97 -22.88 21.26
C PRO D 5 -12.35 -22.34 20.94
N ASP D 6 -12.41 -21.50 19.91
CA ASP D 6 -13.67 -21.00 19.37
C ASP D 6 -13.34 -20.19 18.12
N TYR D 7 -12.10 -19.71 18.07
CA TYR D 7 -11.65 -18.87 16.95
C TYR D 7 -10.24 -19.24 16.51
N HIS D 8 -9.72 -20.36 17.00
CA HIS D 8 -8.45 -20.89 16.53
C HIS D 8 -8.40 -21.04 15.03
N GLU D 9 -9.55 -21.44 14.47
CA GLU D 9 -9.69 -21.57 13.04
C GLU D 9 -9.68 -20.21 12.40
N ASP D 10 -10.38 -19.25 12.99
CA ASP D 10 -10.35 -17.87 12.48
C ASP D 10 -8.92 -17.29 12.51
N ILE D 11 -8.23 -17.45 13.64
CA ILE D 11 -6.86 -17.02 13.83
C ILE D 11 -5.91 -17.72 12.86
N HIS D 12 -5.99 -19.05 12.77
CA HIS D 12 -5.14 -19.72 11.82
C HIS D 12 -5.43 -19.30 10.35
N THR D 13 -6.68 -19.02 10.04
CA THR D 13 -6.99 -18.48 8.73
C THR D 13 -6.35 -17.12 8.58
N TYR D 14 -6.45 -16.28 9.59
CA TYR D 14 -6.01 -14.90 9.46
C TYR D 14 -4.49 -14.85 9.41
N LEU D 15 -3.82 -15.72 10.17
CA LEU D 15 -2.36 -15.79 10.13
C LEU D 15 -1.86 -16.26 8.76
N ARG D 16 -2.69 -16.99 8.03
CA ARG D 16 -2.31 -17.46 6.71
C ARG D 16 -2.45 -16.37 5.66
N GLU D 17 -3.37 -15.44 5.93
CA GLU D 17 -3.55 -14.25 5.10
C GLU D 17 -2.39 -13.29 5.25
N MET D 18 -1.97 -13.11 6.50
CA MET D 18 -0.98 -12.10 6.89
C MET D 18 0.43 -12.47 6.49
N GLU D 19 0.75 -13.76 6.50
CA GLU D 19 2.12 -14.19 6.22
C GLU D 19 2.44 -13.97 4.74
N VAL D 20 1.39 -13.97 3.92
CA VAL D 20 1.52 -13.71 2.48
C VAL D 20 1.80 -12.24 2.25
N LYS D 21 1.19 -11.38 3.05
CA LYS D 21 1.37 -9.93 2.92
C LYS D 21 2.63 -9.44 3.60
N CYS D 22 3.01 -10.07 4.70
CA CYS D 22 4.22 -9.69 5.45
C CYS D 22 5.48 -10.49 5.10
N LYS D 23 5.47 -11.01 3.86
CA LYS D 23 6.60 -11.79 3.33
C LYS D 23 7.71 -10.92 2.72
N PRO D 24 8.96 -11.10 3.16
CA PRO D 24 10.14 -10.50 2.55
C PRO D 24 10.34 -10.89 1.09
N LYS D 25 10.89 -10.00 0.28
CA LYS D 25 11.15 -10.29 -1.12
C LYS D 25 12.23 -11.36 -1.18
N VAL D 26 11.97 -12.42 -1.95
CA VAL D 26 12.80 -13.61 -1.88
C VAL D 26 14.21 -13.39 -2.38
N GLY D 27 14.37 -12.69 -3.51
CA GLY D 27 15.70 -12.49 -4.05
C GLY D 27 16.22 -11.11 -3.75
N TYR D 28 16.32 -10.77 -2.47
CA TYR D 28 16.64 -9.41 -2.09
C TYR D 28 18.12 -9.19 -1.89
N MET D 29 18.86 -10.24 -1.52
CA MET D 29 20.30 -10.16 -1.25
C MET D 29 21.18 -10.06 -2.52
N LYS D 30 20.63 -10.53 -3.64
CA LYS D 30 21.29 -10.36 -4.93
C LYS D 30 21.28 -8.86 -5.31
N LYS D 31 20.23 -8.16 -4.92
CA LYS D 31 20.13 -6.74 -5.25
C LYS D 31 20.74 -5.84 -4.16
N GLN D 32 21.39 -6.44 -3.17
CA GLN D 32 22.11 -5.66 -2.16
C GLN D 32 23.60 -5.59 -2.54
N PRO D 33 24.07 -4.37 -2.84
CA PRO D 33 25.45 -4.19 -3.31
C PRO D 33 26.53 -4.60 -2.32
N ASP D 34 26.41 -4.24 -1.05
CA ASP D 34 27.52 -4.39 -0.12
C ASP D 34 27.38 -5.58 0.83
N ILE D 35 26.18 -6.13 0.95
CA ILE D 35 25.96 -7.15 1.94
C ILE D 35 25.58 -8.48 1.32
N THR D 36 25.82 -9.52 2.11
CA THR D 36 25.60 -10.90 1.67
C THR D 36 24.80 -11.77 2.66
N ASN D 37 24.34 -12.93 2.24
CA ASN D 37 23.71 -13.93 3.12
C ASN D 37 24.57 -14.39 4.32
N SER D 38 25.87 -14.39 4.11
CA SER D 38 26.79 -14.80 5.13
C SER D 38 26.90 -13.73 6.21
N MET D 39 26.82 -12.47 5.77
CA MET D 39 26.77 -11.35 6.73
C MET D 39 25.47 -11.37 7.58
N ARG D 40 24.37 -11.66 6.89
CA ARG D 40 23.11 -11.86 7.55
C ARG D 40 23.15 -13.00 8.59
N ALA D 41 23.76 -14.12 8.24
CA ALA D 41 23.93 -15.22 9.17
C ALA D 41 24.66 -14.79 10.46
N ILE D 42 25.67 -13.93 10.36
CA ILE D 42 26.41 -13.51 11.54
C ILE D 42 25.52 -12.61 12.41
N LEU D 43 24.77 -11.72 11.77
CA LEU D 43 23.88 -10.76 12.48
C LEU D 43 22.81 -11.47 13.29
N VAL D 44 22.11 -12.39 12.59
CA VAL D 44 21.03 -13.20 13.18
C VAL D 44 21.55 -14.05 14.33
N ASP D 45 22.74 -14.61 14.16
CA ASP D 45 23.37 -15.41 15.22
C ASP D 45 23.73 -14.55 16.45
N TRP D 46 24.17 -13.32 16.22
CA TRP D 46 24.48 -12.39 17.32
C TRP D 46 23.22 -12.03 18.08
N LEU D 47 22.10 -12.04 17.37
CA LEU D 47 20.82 -11.67 17.98
C LEU D 47 20.36 -12.80 18.88
N VAL D 48 20.73 -14.03 18.53
CA VAL D 48 20.43 -15.15 19.39
C VAL D 48 21.15 -14.96 20.72
N GLU D 49 22.39 -14.50 20.68
CA GLU D 49 23.18 -14.31 21.91
C GLU D 49 22.68 -13.13 22.73
N VAL D 50 22.19 -12.11 22.04
CA VAL D 50 21.59 -10.97 22.73
C VAL D 50 20.33 -11.43 23.46
N GLY D 51 19.56 -12.34 22.87
CA GLY D 51 18.31 -12.85 23.46
C GLY D 51 18.58 -13.60 24.75
N GLU D 52 19.62 -14.46 24.67
CA GLU D 52 20.04 -15.25 25.82
C GLU D 52 20.59 -14.39 26.93
N GLU D 53 21.39 -13.40 26.57
CA GLU D 53 21.98 -12.52 27.57
C GLU D 53 20.96 -11.66 28.30
N TYR D 54 19.93 -11.26 27.57
CA TYR D 54 18.91 -10.38 28.14
C TYR D 54 17.62 -11.11 28.48
N LYS D 55 17.67 -12.44 28.46
CA LYS D 55 16.51 -13.27 28.78
C LYS D 55 15.26 -12.79 28.04
N LEU D 56 15.35 -12.73 26.72
CA LEU D 56 14.25 -12.36 25.88
C LEU D 56 13.47 -13.57 25.41
N GLN D 57 12.25 -13.30 24.94
CA GLN D 57 11.36 -14.33 24.40
C GLN D 57 11.80 -14.82 23.04
N ASN D 58 11.59 -16.09 22.75
CA ASN D 58 11.95 -16.64 21.44
C ASN D 58 11.16 -15.98 20.31
N GLU D 59 10.00 -15.42 20.63
CA GLU D 59 9.17 -14.73 19.62
C GLU D 59 9.76 -13.37 19.25
N THR D 60 10.35 -12.68 20.23
CA THR D 60 11.00 -11.42 20.00
C THR D 60 12.07 -11.58 18.92
N LEU D 61 12.75 -12.72 18.96
CA LEU D 61 13.80 -12.99 17.98
C LEU D 61 13.22 -13.11 16.58
N HIS D 62 12.11 -13.83 16.45
CA HIS D 62 11.55 -14.17 15.16
C HIS D 62 11.04 -12.92 14.46
N LEU D 63 10.48 -12.03 15.28
CA LEU D 63 9.94 -10.75 14.80
C LEU D 63 11.07 -9.84 14.35
N ALA D 64 12.15 -9.79 15.11
CA ALA D 64 13.31 -8.99 14.68
C ALA D 64 13.90 -9.39 13.32
N VAL D 65 13.99 -10.68 13.05
CA VAL D 65 14.52 -11.16 11.80
C VAL D 65 13.57 -10.79 10.65
N ASN D 66 12.28 -10.83 10.94
CA ASN D 66 11.28 -10.44 9.95
C ASN D 66 11.37 -8.95 9.62
N TYR D 67 11.62 -8.14 10.63
CA TYR D 67 11.78 -6.71 10.42
C TYR D 67 13.00 -6.45 9.51
N ILE D 68 14.15 -7.05 9.85
CA ILE D 68 15.39 -6.94 9.12
C ILE D 68 15.16 -7.34 7.65
N ASP D 69 14.56 -8.50 7.44
CA ASP D 69 14.36 -9.00 6.08
C ASP D 69 13.44 -8.14 5.23
N ARG D 70 12.44 -7.54 5.87
CA ARG D 70 11.55 -6.59 5.20
C ARG D 70 12.25 -5.21 4.91
N PHE D 71 13.08 -4.78 5.86
CA PHE D 71 13.79 -3.54 5.71
C PHE D 71 14.86 -3.64 4.65
N LEU D 72 15.55 -4.77 4.64
CA LEU D 72 16.58 -5.05 3.61
C LEU D 72 15.99 -5.38 2.25
N SER D 73 14.69 -5.61 2.19
CA SER D 73 13.97 -5.80 0.92
C SER D 73 13.72 -4.51 0.17
N SER D 74 13.69 -3.37 0.84
CA SER D 74 13.43 -2.12 0.12
C SER D 74 14.51 -1.05 0.28
N MET D 75 15.39 -1.20 1.27
CA MET D 75 16.48 -0.28 1.49
C MET D 75 17.86 -0.90 1.31
N SER D 76 18.75 -0.22 0.61
CA SER D 76 20.14 -0.68 0.48
C SER D 76 20.91 -0.27 1.71
N VAL D 77 21.65 -1.21 2.28
CA VAL D 77 22.43 -0.98 3.49
C VAL D 77 23.86 -1.49 3.30
N LEU D 78 24.81 -0.69 3.77
CA LEU D 78 26.21 -1.05 3.83
C LEU D 78 26.53 -1.85 5.09
N ARG D 79 27.62 -2.60 5.02
CA ARG D 79 27.99 -3.52 6.09
C ARG D 79 28.21 -2.88 7.46
N GLY D 80 28.75 -1.68 7.45
CA GLY D 80 28.96 -0.95 8.68
C GLY D 80 27.71 -0.49 9.37
N LYS D 81 26.58 -0.62 8.67
CA LYS D 81 25.28 -0.21 9.23
C LYS D 81 24.31 -1.40 9.44
N LEU D 82 24.67 -2.57 8.94
CA LEU D 82 23.84 -3.75 9.09
C LEU D 82 23.51 -4.07 10.57
N GLN D 83 24.47 -3.84 11.47
CA GLN D 83 24.26 -4.13 12.87
C GLN D 83 23.34 -3.09 13.52
N LEU D 84 23.35 -1.88 12.98
CA LEU D 84 22.49 -0.79 13.45
C LEU D 84 21.04 -1.06 13.08
N VAL D 85 20.83 -1.67 11.92
CA VAL D 85 19.53 -2.13 11.47
C VAL D 85 19.00 -3.23 12.38
N GLY D 86 19.86 -4.18 12.68
CA GLY D 86 19.51 -5.31 13.53
C GLY D 86 19.22 -4.95 14.98
N THR D 87 19.94 -3.97 15.48
CA THR D 87 19.75 -3.52 16.86
C THR D 87 18.40 -2.83 16.95
N ALA D 88 18.14 -1.97 15.97
CA ALA D 88 16.90 -1.24 15.88
C ALA D 88 15.76 -2.24 15.76
N ALA D 89 15.90 -3.29 14.94
CA ALA D 89 14.87 -4.30 14.78
C ALA D 89 14.53 -5.00 16.10
N MET D 90 15.59 -5.32 16.87
CA MET D 90 15.47 -6.04 18.14
C MET D 90 14.85 -5.14 19.21
N LEU D 91 15.19 -3.86 19.18
CA LEU D 91 14.60 -2.90 20.13
C LEU D 91 13.10 -2.84 19.84
N LEU D 92 12.68 -2.78 18.58
CA LEU D 92 11.26 -2.66 18.24
C LEU D 92 10.54 -3.97 18.54
N ALA D 93 11.12 -5.10 18.18
CA ALA D 93 10.53 -6.40 18.53
C ALA D 93 10.39 -6.56 20.05
N SER D 94 11.30 -5.95 20.80
CA SER D 94 11.28 -6.02 22.27
C SER D 94 10.16 -5.15 22.81
N LYS D 95 9.91 -4.00 22.17
CA LYS D 95 8.86 -3.12 22.62
C LYS D 95 7.47 -3.71 22.33
N PHE D 96 7.41 -4.50 21.28
CA PHE D 96 6.15 -5.10 20.87
C PHE D 96 5.82 -6.35 21.67
N GLU D 97 6.82 -7.18 21.97
CA GLU D 97 6.59 -8.52 22.53
C GLU D 97 6.93 -8.72 23.99
N GLU D 98 7.87 -7.96 24.53
CA GLU D 98 8.26 -8.10 25.93
C GLU D 98 7.40 -7.19 26.80
N ILE D 99 7.21 -7.65 28.03
CA ILE D 99 6.45 -6.91 29.02
C ILE D 99 7.24 -5.65 29.35
N TYR D 100 8.49 -5.83 29.74
CA TYR D 100 9.43 -4.72 29.96
C TYR D 100 10.71 -4.98 29.16
N PRO D 101 10.87 -4.25 28.04
CA PRO D 101 12.05 -4.38 27.20
C PRO D 101 13.29 -3.77 27.86
N PRO D 102 14.48 -4.24 27.48
CA PRO D 102 15.70 -3.60 27.95
C PRO D 102 15.77 -2.16 27.53
N GLU D 103 16.44 -1.31 28.32
CA GLU D 103 16.54 0.11 27.98
C GLU D 103 17.39 0.31 26.76
N VAL D 104 17.29 1.48 26.13
CA VAL D 104 18.07 1.72 24.92
C VAL D 104 19.56 1.73 25.23
N ALA D 105 19.93 2.24 26.39
CA ALA D 105 21.31 2.20 26.86
C ALA D 105 21.92 0.81 26.75
N GLU D 106 21.09 -0.21 26.97
CA GLU D 106 21.55 -1.59 26.94
C GLU D 106 21.74 -2.00 25.49
N PHE D 107 20.87 -1.50 24.61
CA PHE D 107 20.97 -1.91 23.21
C PHE D 107 22.19 -1.28 22.52
N VAL D 108 22.72 -0.22 23.13
CA VAL D 108 23.93 0.44 22.67
C VAL D 108 25.19 -0.29 23.21
N TYR D 109 25.15 -0.68 24.49
CA TYR D 109 26.23 -1.43 25.11
C TYR D 109 26.48 -2.80 24.46
N ILE D 110 25.45 -3.46 23.97
CA ILE D 110 25.63 -4.74 23.29
C ILE D 110 26.35 -4.57 21.95
N THR D 111 26.37 -3.35 21.43
CA THR D 111 27.10 -3.08 20.17
C THR D 111 28.54 -2.67 20.37
N ASP D 112 29.03 -2.80 21.61
CA ASP D 112 30.39 -2.42 21.94
C ASP D 112 30.62 -0.94 21.54
N ASP D 113 29.61 -0.12 21.80
CA ASP D 113 29.66 1.32 21.48
C ASP D 113 30.13 1.60 20.05
N THR D 114 29.70 0.76 19.11
CA THR D 114 29.88 1.08 17.68
C THR D 114 28.96 2.22 17.24
N TYR D 115 27.76 2.27 17.81
CA TYR D 115 26.75 3.28 17.48
C TYR D 115 26.39 4.05 18.73
N THR D 116 25.79 5.23 18.57
CA THR D 116 25.37 6.06 19.70
C THR D 116 23.89 5.83 19.98
N LYS D 117 23.44 6.39 21.08
CA LYS D 117 22.03 6.27 21.44
C LYS D 117 21.18 7.01 20.40
N LYS D 118 21.77 8.11 19.93
CA LYS D 118 21.11 8.92 18.89
C LYS D 118 20.81 8.11 17.63
N GLN D 119 21.84 7.44 17.11
CA GLN D 119 21.71 6.66 15.89
C GLN D 119 20.71 5.53 16.01
N VAL D 120 20.69 4.84 17.14
CA VAL D 120 19.78 3.72 17.35
C VAL D 120 18.33 4.22 17.38
N LEU D 121 18.09 5.32 18.09
CA LEU D 121 16.79 5.96 18.16
C LEU D 121 16.32 6.44 16.78
N ARG D 122 17.29 6.82 15.94
CA ARG D 122 16.97 7.31 14.62
C ARG D 122 16.64 6.18 13.66
N MET D 123 17.39 5.09 13.79
CA MET D 123 17.13 3.90 12.97
C MET D 123 15.77 3.28 13.28
N GLU D 124 15.42 3.29 14.56
CA GLU D 124 14.13 2.81 15.04
C GLU D 124 12.99 3.49 14.33
N HIS D 125 13.15 4.79 14.17
CA HIS D 125 12.19 5.63 13.48
C HIS D 125 12.18 5.34 11.97
N LEU D 126 13.35 5.10 11.39
CA LEU D 126 13.42 4.75 9.99
C LEU D 126 12.83 3.39 9.71
N VAL D 127 13.11 2.44 10.60
CA VAL D 127 12.57 1.08 10.48
C VAL D 127 11.03 1.10 10.52
N LEU D 128 10.48 1.90 11.42
CA LEU D 128 9.05 2.05 11.56
C LEU D 128 8.44 2.60 10.27
N LYS D 129 9.11 3.57 9.69
CA LYS D 129 8.62 4.26 8.50
C LYS D 129 8.66 3.30 7.31
N VAL D 130 9.74 2.54 7.17
CA VAL D 130 9.86 1.61 6.06
C VAL D 130 8.85 0.47 6.13
N LEU D 131 8.61 -0.01 7.34
CA LEU D 131 7.68 -1.10 7.59
C LEU D 131 6.24 -0.58 7.72
N THR D 132 6.04 0.73 7.57
CA THR D 132 4.71 1.35 7.72
C THR D 132 3.97 0.90 8.99
N PHE D 133 4.73 0.78 10.07
CA PHE D 133 4.21 0.45 11.38
C PHE D 133 3.49 -0.87 11.47
N ASP D 134 3.76 -1.76 10.52
CA ASP D 134 3.16 -3.09 10.52
C ASP D 134 4.12 -4.07 11.20
N LEU D 135 3.97 -4.23 12.52
CA LEU D 135 4.89 -5.08 13.30
C LEU D 135 4.35 -6.45 13.79
N ALA D 136 3.05 -6.68 13.70
CA ALA D 136 2.43 -7.93 14.13
C ALA D 136 2.50 -8.97 13.03
N ALA D 137 3.72 -9.40 12.73
CA ALA D 137 3.98 -10.36 11.66
C ALA D 137 3.91 -11.83 12.13
N PRO D 138 3.31 -12.69 11.32
CA PRO D 138 3.31 -14.12 11.57
C PRO D 138 4.72 -14.68 11.56
N THR D 139 4.99 -15.66 12.42
CA THR D 139 6.32 -16.25 12.56
C THR D 139 6.23 -17.77 12.58
N VAL D 140 7.35 -18.43 12.28
CA VAL D 140 7.48 -19.88 12.42
C VAL D 140 7.11 -20.26 13.83
N ASN D 141 7.58 -19.50 14.81
CA ASN D 141 7.31 -19.76 16.23
C ASN D 141 5.81 -19.75 16.56
N GLN D 142 5.10 -18.85 15.92
CA GLN D 142 3.64 -18.77 16.11
C GLN D 142 2.88 -19.99 15.60
N PHE D 143 3.18 -20.37 14.37
CA PHE D 143 2.51 -21.52 13.77
C PHE D 143 2.84 -22.81 14.50
N LEU D 144 4.09 -22.93 14.93
CA LEU D 144 4.52 -24.08 15.74
C LEU D 144 3.72 -24.18 17.02
N THR D 145 3.39 -23.08 17.67
CA THR D 145 2.61 -23.09 18.93
C THR D 145 1.19 -23.61 18.64
N GLN D 146 0.64 -23.26 17.50
CA GLN D 146 -0.70 -23.73 17.17
C GLN D 146 -0.72 -25.21 16.83
N TYR D 147 0.26 -25.58 15.99
CA TYR D 147 0.47 -26.97 15.57
C TYR D 147 0.63 -27.87 16.78
N PHE D 148 1.23 -27.39 17.87
CA PHE D 148 1.47 -28.24 19.04
C PHE D 148 0.15 -28.75 19.67
N LEU D 149 -0.93 -28.01 19.50
CA LEU D 149 -2.22 -28.46 20.02
C LEU D 149 -2.70 -29.76 19.33
N HIS D 150 -2.07 -30.17 18.25
CA HIS D 150 -2.47 -31.37 17.52
C HIS D 150 -1.52 -32.52 17.78
N GLN D 151 -0.79 -32.42 18.88
CA GLN D 151 0.01 -33.54 19.37
C GLN D 151 -0.89 -34.59 20.02
N GLN D 152 -0.57 -35.86 19.84
CA GLN D 152 -1.27 -36.94 20.54
C GLN D 152 -0.30 -38.04 21.00
N PRO D 153 0.22 -37.95 22.23
CA PRO D 153 0.05 -36.88 23.21
C PRO D 153 1.18 -35.84 23.18
N ALA D 154 1.15 -34.92 24.15
CA ALA D 154 2.17 -33.89 24.26
C ALA D 154 3.53 -34.48 24.64
N ASN D 155 4.60 -33.91 24.11
CA ASN D 155 5.95 -34.36 24.39
C ASN D 155 6.88 -33.15 24.47
N CYS D 156 7.58 -33.00 25.57
CA CYS D 156 8.46 -31.87 25.75
C CYS D 156 9.64 -31.83 24.79
N LYS D 157 10.17 -33.00 24.47
CA LYS D 157 11.29 -33.09 23.55
C LYS D 157 10.83 -32.72 22.13
N VAL D 158 9.65 -33.15 21.72
CA VAL D 158 9.14 -32.80 20.40
C VAL D 158 9.02 -31.29 20.23
N GLU D 159 8.52 -30.64 21.27
CA GLU D 159 8.24 -29.21 21.25
C GLU D 159 9.53 -28.42 21.22
N SER D 160 10.51 -28.81 22.02
CA SER D 160 11.77 -28.10 22.10
C SER D 160 12.64 -28.32 20.89
N LEU D 161 12.48 -29.49 20.28
CA LEU D 161 13.19 -29.88 19.06
C LEU D 161 12.62 -29.14 17.87
N ALA D 162 11.29 -29.02 17.85
CA ALA D 162 10.61 -28.34 16.73
C ALA D 162 11.08 -26.88 16.71
N MET D 163 11.11 -26.27 17.88
CA MET D 163 11.56 -24.88 18.06
C MET D 163 13.01 -24.73 17.56
N PHE D 164 13.87 -25.66 17.98
CA PHE D 164 15.28 -25.62 17.63
C PHE D 164 15.50 -25.59 16.09
N LEU D 165 14.76 -26.44 15.42
CA LEU D 165 14.85 -26.54 13.97
C LEU D 165 14.26 -25.32 13.34
N GLY D 166 13.27 -24.72 13.99
CA GLY D 166 12.64 -23.50 13.50
C GLY D 166 13.57 -22.30 13.60
N GLU D 167 14.38 -22.25 14.66
CA GLU D 167 15.32 -21.16 14.81
C GLU D 167 16.48 -21.30 13.83
N LEU D 168 16.89 -22.53 13.53
CA LEU D 168 18.01 -22.74 12.60
C LEU D 168 17.68 -22.19 11.22
N SER D 169 16.40 -22.17 10.85
CA SER D 169 15.96 -21.67 9.54
C SER D 169 16.11 -20.14 9.44
N LEU D 170 16.14 -19.47 10.59
CA LEU D 170 16.29 -18.04 10.62
C LEU D 170 17.71 -17.59 10.20
N ILE D 171 18.71 -18.44 10.43
CA ILE D 171 20.09 -18.10 10.12
C ILE D 171 20.36 -18.03 8.62
N ASP D 172 19.80 -18.95 7.85
CA ASP D 172 20.10 -19.11 6.42
C ASP D 172 19.01 -18.64 5.45
N ALA D 173 19.19 -17.44 4.89
CA ALA D 173 18.20 -16.89 3.95
C ALA D 173 18.24 -17.62 2.60
N ASP D 174 19.39 -18.24 2.37
CA ASP D 174 19.79 -18.88 1.14
C ASP D 174 18.91 -19.99 0.64
N PRO D 175 18.36 -20.83 1.52
CA PRO D 175 17.13 -21.56 1.14
C PRO D 175 15.81 -21.00 1.73
N TYR D 176 15.81 -20.64 3.02
CA TYR D 176 14.56 -20.57 3.79
C TYR D 176 13.72 -19.31 3.59
N LEU D 177 14.10 -18.43 2.66
CA LEU D 177 13.27 -17.30 2.32
C LEU D 177 12.32 -17.65 1.18
N LYS D 178 12.40 -18.85 0.63
CA LYS D 178 11.40 -19.23 -0.35
C LYS D 178 10.26 -20.01 0.26
N TYR D 179 10.33 -20.24 1.56
CA TYR D 179 9.23 -20.87 2.25
C TYR D 179 8.52 -19.94 3.25
N LEU D 180 7.18 -19.94 3.22
CA LEU D 180 6.36 -19.20 4.19
C LEU D 180 6.49 -19.78 5.60
N PRO D 181 6.37 -18.97 6.64
CA PRO D 181 6.54 -19.46 8.00
C PRO D 181 5.75 -20.75 8.29
N SER D 182 4.53 -20.84 7.80
CA SER D 182 3.67 -22.00 8.06
C SER D 182 4.27 -23.32 7.54
N VAL D 183 4.96 -23.23 6.40
CA VAL D 183 5.56 -24.40 5.75
C VAL D 183 6.82 -24.85 6.49
N ILE D 184 7.66 -23.88 6.89
CA ILE D 184 8.82 -24.21 7.71
C ILE D 184 8.39 -24.81 9.04
N ALA D 185 7.36 -24.21 9.65
CA ALA D 185 6.80 -24.70 10.91
C ALA D 185 6.32 -26.15 10.75
N GLY D 186 5.80 -26.49 9.56
CA GLY D 186 5.28 -27.84 9.29
C GLY D 186 6.43 -28.85 9.18
N ALA D 187 7.43 -28.48 8.40
CA ALA D 187 8.63 -29.27 8.22
C ALA D 187 9.27 -29.47 9.57
N ALA D 188 9.38 -28.41 10.37
CA ALA D 188 10.00 -28.49 11.70
C ALA D 188 9.23 -29.46 12.57
N PHE D 189 7.91 -29.37 12.48
CA PHE D 189 7.05 -30.16 13.38
C PHE D 189 7.15 -31.64 13.02
N HIS D 190 7.02 -31.94 11.73
CA HIS D 190 7.20 -33.35 11.30
C HIS D 190 8.54 -33.98 11.71
N LEU D 191 9.63 -33.28 11.41
CA LEU D 191 10.97 -33.78 11.69
C LEU D 191 11.23 -33.99 13.20
N ALA D 192 10.63 -33.17 14.07
CA ALA D 192 10.78 -33.38 15.53
C ALA D 192 10.01 -34.64 16.00
N LEU D 193 8.77 -34.71 15.54
CA LEU D 193 7.91 -35.88 15.72
C LEU D 193 8.56 -37.20 15.27
N TYR D 194 9.10 -37.19 14.05
CA TYR D 194 9.74 -38.37 13.50
C TYR D 194 11.00 -38.78 14.26
N THR D 195 11.84 -37.83 14.63
CA THR D 195 13.11 -38.16 15.23
C THR D 195 12.91 -38.70 16.62
N VAL D 196 11.90 -38.18 17.34
CA VAL D 196 11.75 -38.45 18.79
C VAL D 196 10.87 -39.67 19.15
N THR D 197 9.73 -39.76 18.47
CA THR D 197 8.74 -40.82 18.69
C THR D 197 8.42 -41.67 17.45
N GLY D 198 8.88 -41.26 16.27
CA GLY D 198 8.68 -42.05 15.07
C GLY D 198 7.36 -41.72 14.43
N GLN D 199 6.64 -40.79 15.04
CA GLN D 199 5.36 -40.34 14.45
C GLN D 199 5.57 -39.39 13.28
N SER D 200 4.50 -39.17 12.53
CA SER D 200 4.51 -38.31 11.34
C SER D 200 3.60 -37.09 11.52
N TRP D 201 3.61 -36.25 10.50
CA TRP D 201 2.78 -35.05 10.41
C TRP D 201 1.33 -35.49 10.38
N PRO D 202 0.58 -35.24 11.47
CA PRO D 202 -0.72 -35.81 11.74
C PRO D 202 -1.84 -35.44 10.77
N GLU D 203 -2.84 -36.30 10.70
CA GLU D 203 -4.01 -36.15 9.82
C GLU D 203 -4.83 -34.90 10.15
N SER D 204 -4.96 -34.64 11.46
CA SER D 204 -5.62 -33.42 11.95
C SER D 204 -5.10 -32.15 11.29
N LEU D 205 -3.78 -32.05 11.14
CA LEU D 205 -3.14 -30.84 10.61
C LEU D 205 -3.18 -30.81 9.07
N ILE D 206 -3.17 -32.00 8.43
CA ILE D 206 -3.37 -32.08 6.96
C ILE D 206 -4.71 -31.44 6.56
N ARG D 207 -5.77 -31.73 7.31
CA ARG D 207 -7.09 -31.18 6.98
C ARG D 207 -7.16 -29.69 7.30
N LYS D 208 -6.52 -29.29 8.41
CA LYS D 208 -6.64 -27.91 8.90
C LYS D 208 -5.82 -26.99 8.00
N THR D 209 -4.58 -27.38 7.70
CA THR D 209 -3.67 -26.55 6.95
C THR D 209 -3.81 -26.75 5.44
N GLY D 210 -4.16 -27.96 5.05
CA GLY D 210 -4.22 -28.29 3.64
C GLY D 210 -2.88 -28.68 3.08
N TYR D 211 -1.93 -28.94 3.96
CA TYR D 211 -0.59 -29.34 3.55
C TYR D 211 -0.42 -30.85 3.70
N THR D 212 -0.31 -31.51 2.54
CA THR D 212 0.00 -32.95 2.53
C THR D 212 1.46 -33.11 2.95
N LEU D 213 1.83 -34.23 3.56
CA LEU D 213 3.24 -34.50 3.87
C LEU D 213 4.07 -34.36 2.61
N GLU D 214 3.50 -34.67 1.46
CA GLU D 214 4.18 -34.58 0.16
C GLU D 214 4.47 -33.14 -0.23
N SER D 215 3.55 -32.23 0.07
CA SER D 215 3.76 -30.80 -0.19
C SER D 215 4.83 -30.21 0.70
N LEU D 216 5.02 -30.79 1.86
CA LEU D 216 6.07 -30.35 2.78
C LEU D 216 7.46 -30.89 2.47
N LYS D 217 7.55 -31.79 1.49
CA LYS D 217 8.79 -32.52 1.18
C LYS D 217 9.98 -31.66 0.78
N PRO D 218 9.80 -30.74 -0.18
CA PRO D 218 10.89 -29.86 -0.58
C PRO D 218 11.51 -29.13 0.60
N CYS D 219 10.68 -28.59 1.49
CA CYS D 219 11.16 -27.88 2.66
C CYS D 219 11.73 -28.82 3.73
N LEU D 220 11.12 -29.99 3.84
CA LEU D 220 11.59 -31.01 4.80
C LEU D 220 12.98 -31.54 4.48
N MET D 221 13.34 -31.51 3.20
CA MET D 221 14.66 -31.93 2.72
C MET D 221 15.76 -30.95 3.15
N ASP D 222 15.51 -29.66 2.92
CA ASP D 222 16.49 -28.61 3.20
C ASP D 222 16.76 -28.54 4.68
N LEU D 223 15.69 -28.76 5.44
CA LEU D 223 15.77 -28.63 6.90
C LEU D 223 16.48 -29.83 7.51
N HIS D 224 16.32 -30.97 6.84
CA HIS D 224 17.04 -32.17 7.23
C HIS D 224 18.55 -32.01 7.08
N GLN D 225 18.97 -31.52 5.92
CA GLN D 225 20.40 -31.28 5.68
C GLN D 225 20.95 -30.33 6.71
N THR D 226 20.25 -29.21 6.90
CA THR D 226 20.59 -28.22 7.91
C THR D 226 20.78 -28.87 9.29
N TYR D 227 19.91 -29.82 9.61
CA TYR D 227 19.92 -30.46 10.94
C TYR D 227 21.13 -31.36 11.05
N LEU D 228 21.47 -32.04 9.93
CA LEU D 228 22.67 -32.86 9.88
C LEU D 228 23.93 -32.01 9.91
N LYS D 229 23.94 -30.90 9.17
CA LYS D 229 25.13 -30.04 9.06
C LYS D 229 25.31 -29.05 10.20
N ALA D 230 24.35 -29.05 11.12
CA ALA D 230 24.30 -28.04 12.16
C ALA D 230 25.58 -27.94 12.98
N PRO D 231 26.16 -29.08 13.42
CA PRO D 231 27.35 -28.99 14.32
C PRO D 231 28.59 -28.48 13.60
N GLN D 232 28.54 -28.47 12.27
CA GLN D 232 29.65 -27.92 11.49
C GLN D 232 29.43 -26.49 10.97
N HIS D 233 28.22 -25.96 11.14
CA HIS D 233 27.89 -24.59 10.71
C HIS D 233 28.82 -23.55 11.32
N ALA D 234 29.07 -22.48 10.58
CA ALA D 234 29.91 -21.36 11.04
C ALA D 234 29.29 -20.73 12.29
N GLN D 235 27.97 -20.85 12.41
CA GLN D 235 27.21 -20.25 13.52
C GLN D 235 26.67 -21.30 14.47
N GLN D 236 26.91 -21.05 15.75
CA GLN D 236 26.71 -22.07 16.77
C GLN D 236 25.85 -21.57 17.93
N SER D 237 25.36 -20.35 17.87
CA SER D 237 24.64 -19.80 19.01
C SER D 237 23.33 -20.54 19.36
N ILE D 238 22.65 -21.04 18.33
CA ILE D 238 21.38 -21.71 18.53
C ILE D 238 21.60 -23.12 19.14
N ARG D 239 22.60 -23.86 18.62
CA ARG D 239 22.93 -25.18 19.18
C ARG D 239 23.26 -25.03 20.65
N GLU D 240 24.13 -24.09 21.00
CA GLU D 240 24.54 -23.87 22.39
C GLU D 240 23.33 -23.49 23.23
N LYS D 241 22.42 -22.69 22.69
CA LYS D 241 21.24 -22.24 23.43
C LYS D 241 20.33 -23.43 23.81
N TYR D 242 20.20 -24.34 22.84
CA TYR D 242 19.31 -25.49 23.02
C TYR D 242 20.04 -26.72 23.58
N LYS D 243 21.20 -26.50 24.20
CA LYS D 243 21.89 -27.53 24.96
C LYS D 243 21.41 -27.47 26.41
N ASN D 244 20.75 -26.39 26.79
CA ASN D 244 20.33 -26.19 28.17
C ASN D 244 19.21 -27.16 28.56
N SER D 245 19.10 -27.37 29.86
CA SER D 245 18.10 -28.26 30.43
C SER D 245 16.69 -27.65 30.31
N LYS D 246 16.63 -26.34 30.17
CA LYS D 246 15.31 -25.72 29.94
C LYS D 246 14.72 -26.09 28.56
N TYR D 247 15.53 -26.58 27.64
CA TYR D 247 15.03 -27.01 26.35
C TYR D 247 15.34 -28.51 26.19
N HIS D 248 15.53 -29.19 27.32
CA HIS D 248 15.59 -30.65 27.41
C HIS D 248 16.69 -31.20 26.53
N GLY D 249 17.73 -30.39 26.35
CA GLY D 249 18.95 -30.74 25.60
C GLY D 249 18.73 -31.30 24.21
N VAL D 250 17.73 -30.74 23.52
CA VAL D 250 17.33 -31.29 22.23
C VAL D 250 18.36 -31.23 21.11
N SER D 251 19.34 -30.35 21.27
CA SER D 251 20.36 -30.14 20.25
C SER D 251 21.48 -31.12 20.33
N LEU D 252 21.54 -31.89 21.42
CA LEU D 252 22.53 -32.98 21.57
C LEU D 252 22.08 -34.27 20.90
N LEU D 253 20.76 -34.37 20.69
CA LEU D 253 20.13 -35.53 20.08
C LEU D 253 20.67 -35.77 18.67
N ASN D 254 20.64 -37.03 18.21
CA ASN D 254 21.16 -37.43 16.91
C ASN D 254 20.07 -37.34 15.88
N PRO D 255 20.35 -36.62 14.79
CA PRO D 255 19.39 -36.52 13.70
C PRO D 255 19.22 -37.84 12.97
N PRO D 256 18.05 -38.10 12.38
CA PRO D 256 17.90 -39.29 11.57
C PRO D 256 18.80 -39.19 10.36
N GLU D 257 19.36 -40.32 9.95
CA GLU D 257 20.19 -40.40 8.74
C GLU D 257 19.34 -40.30 7.49
N THR D 258 18.15 -40.87 7.50
CA THR D 258 17.24 -40.70 6.38
C THR D 258 15.84 -40.35 6.86
N LEU D 259 14.97 -39.98 5.94
CA LEU D 259 13.64 -39.53 6.33
C LEU D 259 12.50 -40.45 5.89
N ASN D 260 12.83 -41.35 4.96
CA ASN D 260 11.88 -42.32 4.42
C ASN D 260 10.67 -41.67 3.74
N LEU D 261 10.95 -40.74 2.83
CA LEU D 261 9.92 -40.12 2.02
C LEU D 261 10.04 -40.49 0.53
N LEU E 2 30.53 -6.29 15.21
CA LEU E 2 30.66 -7.44 14.33
C LEU E 2 31.42 -7.08 13.09
N ASN E 3 32.33 -7.96 12.68
CA ASN E 3 33.16 -7.73 11.48
C ASN E 3 32.62 -8.49 10.29
#